data_3OC4
#
_entry.id   3OC4
#
_cell.length_a   213.693
_cell.length_b   213.693
_cell.length_c   149.259
_cell.angle_alpha   90.00
_cell.angle_beta   90.00
_cell.angle_gamma   90.00
#
_symmetry.space_group_name_H-M   'I 4 2 2'
#
loop_
_entity.id
_entity.type
_entity.pdbx_description
1 polymer 'Oxidoreductase, pyridine nucleotide-disulfide family'
2 non-polymer 'FLAVIN-ADENINE DINUCLEOTIDE'
3 non-polymer 'SODIUM ION'
4 water water
#
_entity_poly.entity_id   1
_entity_poly.type   'polypeptide(L)'
_entity_poly.pdbx_seq_one_letter_code
;(MSE)SLKIVIIGASFAGISAAIASRKKYPQAEISLIDKQATVGYLSGGLSAYFNHTINELHEARYITEEELRRQKIQLL
LNREVVA(MSE)DVENQLIAWTRKEEQQWYSYDKLILATGASQFSTQIRGSQTEKLLKYKFLSGALAAVPLLENSQTVAV
IGAGPIG(MSE)EAIDFLVK(MSE)KKTVHVFESLENLLPKYFDKE(MSE)VAEVQKSLEKQAVIFHFEETVLGIEETAN
GIVLETSEQEISCDSGIFALNLHPQLAYLDKKIQRNLDQTIAVDAYLQTSVPNVFAIGDCISV(MSE)NEPVAETFYAPL
VNNAVRTGLVVANNLEEKTHRFIGSLRT(MSE)GTKVGDYYLASTGLTETEGLFFPQTLASIIVRQPAPPLQHGTEILGK
LIYDKVTQRVLGAQLCSKNNCLEKINTLALSIQTGQTLTDLLQKDYFYQPSLTNIYDITNL(MSE)GASAYWRENDEGHH
HHHH
;
_entity_poly.pdbx_strand_id   A,B
#
# COMPACT_ATOMS: atom_id res chain seq x y z
N LEU A 3 -29.75 -23.34 -11.33
CA LEU A 3 -28.44 -23.80 -10.77
C LEU A 3 -28.52 -23.91 -9.26
N LYS A 4 -28.09 -25.04 -8.72
CA LYS A 4 -28.13 -25.25 -7.29
C LYS A 4 -26.72 -25.31 -6.71
N ILE A 5 -26.28 -24.19 -6.13
CA ILE A 5 -24.96 -24.07 -5.53
C ILE A 5 -25.07 -24.36 -4.03
N VAL A 6 -24.36 -25.38 -3.59
CA VAL A 6 -24.38 -25.77 -2.18
C VAL A 6 -23.00 -25.53 -1.57
N ILE A 7 -23.00 -24.82 -0.45
CA ILE A 7 -21.77 -24.46 0.24
C ILE A 7 -21.77 -25.01 1.65
N ILE A 8 -20.76 -25.81 1.97
CA ILE A 8 -20.63 -26.40 3.29
C ILE A 8 -19.58 -25.57 4.06
N GLY A 9 -20.04 -24.84 5.07
CA GLY A 9 -19.18 -24.01 5.89
C GLY A 9 -19.72 -22.59 5.77
N ALA A 10 -20.46 -22.12 6.78
CA ALA A 10 -21.04 -20.78 6.71
C ALA A 10 -20.22 -19.75 7.47
N SER A 11 -18.96 -19.66 7.12
CA SER A 11 -18.05 -18.72 7.74
C SER A 11 -17.44 -17.79 6.70
N PHE A 12 -16.25 -17.25 7.00
CA PHE A 12 -15.56 -16.32 6.13
C PHE A 12 -15.52 -16.77 4.68
N ALA A 13 -15.00 -17.96 4.44
CA ALA A 13 -14.91 -18.49 3.09
C ALA A 13 -16.29 -18.76 2.50
N GLY A 14 -17.11 -19.51 3.24
CA GLY A 14 -18.45 -19.85 2.79
C GLY A 14 -19.38 -18.67 2.54
N ILE A 15 -19.42 -17.73 3.48
CA ILE A 15 -20.26 -16.55 3.33
C ILE A 15 -19.79 -15.72 2.13
N SER A 16 -18.47 -15.68 1.93
CA SER A 16 -17.92 -14.94 0.81
C SER A 16 -18.34 -15.60 -0.48
N ALA A 17 -18.23 -16.93 -0.52
CA ALA A 17 -18.61 -17.69 -1.70
C ALA A 17 -20.10 -17.50 -1.96
N ALA A 18 -20.91 -17.57 -0.89
CA ALA A 18 -22.35 -17.39 -1.03
C ALA A 18 -22.65 -16.04 -1.67
N ILE A 19 -22.15 -14.99 -1.03
CA ILE A 19 -22.37 -13.63 -1.51
C ILE A 19 -21.87 -13.45 -2.93
N ALA A 20 -20.65 -13.91 -3.20
CA ALA A 20 -20.08 -13.78 -4.54
C ALA A 20 -20.93 -14.55 -5.54
N SER A 21 -21.42 -15.72 -5.13
CA SER A 21 -22.23 -16.55 -6.01
C SER A 21 -23.56 -15.88 -6.30
N ARG A 22 -24.11 -15.20 -5.31
CA ARG A 22 -25.38 -14.50 -5.47
C ARG A 22 -25.30 -13.39 -6.52
N LYS A 23 -24.13 -12.76 -6.61
CA LYS A 23 -23.92 -11.67 -7.56
C LYS A 23 -23.73 -12.20 -8.97
N LYS A 24 -23.04 -13.33 -9.09
CA LYS A 24 -22.77 -13.95 -10.37
C LYS A 24 -24.06 -14.57 -10.93
N TYR A 25 -24.74 -15.32 -10.07
CA TYR A 25 -25.97 -16.00 -10.46
C TYR A 25 -27.14 -15.49 -9.65
N PRO A 26 -27.85 -14.47 -10.16
CA PRO A 26 -29.00 -13.92 -9.44
C PRO A 26 -30.17 -14.91 -9.38
N GLN A 27 -30.18 -15.85 -10.32
CA GLN A 27 -31.25 -16.85 -10.41
C GLN A 27 -30.98 -18.10 -9.56
N ALA A 28 -29.73 -18.51 -9.51
CA ALA A 28 -29.33 -19.71 -8.78
C ALA A 28 -29.89 -19.87 -7.38
N GLU A 29 -30.10 -21.12 -7.00
CA GLU A 29 -30.59 -21.47 -5.67
C GLU A 29 -29.29 -21.69 -4.90
N ILE A 30 -29.10 -20.92 -3.83
CA ILE A 30 -27.88 -21.03 -3.04
C ILE A 30 -28.15 -21.43 -1.61
N SER A 31 -27.53 -22.54 -1.20
CA SER A 31 -27.70 -23.04 0.16
C SER A 31 -26.38 -23.03 0.91
N LEU A 32 -26.41 -22.50 2.12
CA LEU A 32 -25.23 -22.44 2.96
C LEU A 32 -25.52 -23.37 4.12
N ILE A 33 -24.70 -24.41 4.27
CA ILE A 33 -24.88 -25.40 5.32
C ILE A 33 -23.81 -25.26 6.40
N ASP A 34 -24.22 -25.39 7.66
CA ASP A 34 -23.27 -25.29 8.78
C ASP A 34 -23.79 -26.04 10.02
N LYS A 35 -22.88 -26.70 10.72
CA LYS A 35 -23.18 -27.47 11.90
C LYS A 35 -23.46 -26.60 13.18
N GLN A 36 -23.76 -25.32 13.02
CA GLN A 36 -24.03 -24.46 14.16
C GLN A 36 -25.40 -23.82 14.24
N ALA A 37 -25.71 -23.29 15.42
CA ALA A 37 -27.02 -22.66 15.67
C ALA A 37 -27.19 -21.34 14.93
N THR A 38 -26.10 -20.57 14.91
CA THR A 38 -26.09 -19.29 14.24
C THR A 38 -24.72 -19.00 13.68
N VAL A 39 -24.71 -18.37 12.51
CA VAL A 39 -23.47 -18.01 11.86
C VAL A 39 -23.50 -16.50 11.68
N GLY A 40 -22.39 -15.93 11.25
CA GLY A 40 -22.37 -14.49 11.03
C GLY A 40 -21.52 -13.66 11.97
N TYR A 41 -20.93 -14.29 12.97
CA TYR A 41 -20.08 -13.56 13.88
C TYR A 41 -18.67 -14.08 13.98
N LEU A 42 -17.76 -13.19 14.39
CA LEU A 42 -16.37 -13.58 14.55
C LEU A 42 -16.45 -14.40 15.82
N SER A 43 -15.45 -15.24 16.06
CA SER A 43 -15.48 -16.05 17.27
C SER A 43 -14.11 -16.08 17.96
N GLY A 44 -14.16 -16.17 19.27
CA GLY A 44 -12.95 -16.19 20.10
C GLY A 44 -11.68 -15.59 19.49
N ARG A 61 -19.73 -9.75 14.92
CA ARG A 61 -20.97 -9.91 14.17
C ARG A 61 -20.91 -9.08 12.88
N TYR A 62 -20.21 -9.61 11.89
CA TYR A 62 -20.03 -8.92 10.61
C TYR A 62 -21.20 -9.01 9.63
N ILE A 63 -22.06 -10.00 9.82
CA ILE A 63 -23.22 -10.15 8.94
C ILE A 63 -24.39 -10.80 9.66
N THR A 64 -25.60 -10.39 9.27
CA THR A 64 -26.83 -10.89 9.87
C THR A 64 -27.52 -11.94 9.01
N GLU A 65 -28.20 -12.88 9.66
CA GLU A 65 -28.91 -13.93 8.94
C GLU A 65 -29.89 -13.28 7.97
N GLU A 66 -30.38 -12.10 8.36
CA GLU A 66 -31.31 -11.37 7.53
C GLU A 66 -30.63 -10.85 6.28
N GLU A 67 -29.34 -10.55 6.41
CA GLU A 67 -28.56 -10.05 5.27
C GLU A 67 -28.40 -11.20 4.27
N LEU A 68 -28.09 -12.40 4.77
CA LEU A 68 -27.95 -13.56 3.91
C LEU A 68 -29.32 -13.82 3.29
N ARG A 69 -30.36 -13.71 4.12
CA ARG A 69 -31.73 -13.92 3.67
C ARG A 69 -32.15 -12.89 2.62
N ARG A 70 -31.86 -11.62 2.87
CA ARG A 70 -32.20 -10.58 1.91
C ARG A 70 -31.50 -10.86 0.59
N GLN A 71 -30.36 -11.55 0.68
CA GLN A 71 -29.58 -11.89 -0.51
C GLN A 71 -29.95 -13.28 -1.03
N LYS A 72 -31.19 -13.69 -0.78
CA LYS A 72 -31.71 -14.98 -1.24
C LYS A 72 -30.74 -16.15 -1.03
N ILE A 73 -30.28 -16.30 0.21
CA ILE A 73 -29.35 -17.37 0.57
C ILE A 73 -29.99 -18.18 1.69
N GLN A 74 -30.30 -19.43 1.40
CA GLN A 74 -30.92 -20.33 2.37
C GLN A 74 -29.88 -20.82 3.37
N LEU A 75 -30.08 -20.51 4.64
CA LEU A 75 -29.15 -20.93 5.67
C LEU A 75 -29.66 -22.20 6.34
N LEU A 76 -29.03 -23.33 6.07
CA LEU A 76 -29.44 -24.57 6.68
C LEU A 76 -28.47 -24.83 7.82
N LEU A 77 -28.83 -24.38 9.02
CA LEU A 77 -27.96 -24.54 10.18
C LEU A 77 -28.26 -25.79 11.00
N ASN A 78 -27.47 -25.98 12.06
CA ASN A 78 -27.61 -27.12 12.97
C ASN A 78 -27.43 -28.48 12.31
N ARG A 79 -27.04 -28.45 11.04
CA ARG A 79 -26.84 -29.67 10.28
C ARG A 79 -25.36 -29.97 10.10
N GLU A 80 -24.91 -31.13 10.55
CA GLU A 80 -23.50 -31.50 10.39
C GLU A 80 -23.32 -32.44 9.22
N VAL A 81 -22.57 -32.01 8.21
CA VAL A 81 -22.32 -32.84 7.05
C VAL A 81 -21.48 -34.05 7.49
N VAL A 82 -21.96 -35.26 7.15
CA VAL A 82 -21.25 -36.47 7.55
C VAL A 82 -20.85 -37.39 6.41
N ALA A 83 -21.46 -37.21 5.24
CA ALA A 83 -21.12 -38.06 4.11
C ALA A 83 -21.28 -37.39 2.75
N ASP A 85 -21.33 -38.18 -1.80
CA ASP A 85 -21.43 -39.09 -2.94
C ASP A 85 -21.11 -38.25 -4.19
N VAL A 86 -19.85 -38.26 -4.59
CA VAL A 86 -19.42 -37.48 -5.74
C VAL A 86 -20.12 -37.77 -7.07
N GLU A 87 -20.27 -39.04 -7.44
CA GLU A 87 -20.92 -39.34 -8.72
C GLU A 87 -22.42 -39.14 -8.80
N ASN A 88 -23.11 -39.19 -7.68
CA ASN A 88 -24.55 -38.95 -7.70
C ASN A 88 -24.79 -37.51 -7.27
N GLN A 89 -23.70 -36.85 -6.86
CA GLN A 89 -23.71 -35.45 -6.43
C GLN A 89 -24.68 -35.17 -5.31
N LEU A 90 -24.43 -35.84 -4.19
CA LEU A 90 -25.24 -35.73 -3.00
C LEU A 90 -24.32 -35.58 -1.79
N ILE A 91 -24.84 -35.02 -0.71
CA ILE A 91 -24.10 -34.90 0.54
C ILE A 91 -25.11 -35.26 1.62
N ALA A 92 -24.61 -35.66 2.79
CA ALA A 92 -25.51 -36.04 3.87
C ALA A 92 -25.15 -35.35 5.18
N TRP A 93 -26.16 -34.82 5.86
CA TRP A 93 -25.94 -34.19 7.15
C TRP A 93 -26.77 -34.89 8.22
N THR A 94 -26.45 -34.65 9.48
CA THR A 94 -27.18 -35.29 10.57
C THR A 94 -27.79 -34.28 11.54
N ARG A 95 -29.09 -34.03 11.40
CA ARG A 95 -29.80 -33.09 12.25
C ARG A 95 -30.80 -33.80 13.16
N LYS A 96 -30.75 -33.48 14.45
CA LYS A 96 -31.66 -34.09 15.41
C LYS A 96 -31.63 -35.61 15.32
N GLU A 97 -30.43 -36.17 15.26
CA GLU A 97 -30.23 -37.61 15.20
C GLU A 97 -30.73 -38.27 13.92
N GLU A 98 -31.16 -37.47 12.94
CA GLU A 98 -31.66 -38.02 11.68
C GLU A 98 -30.85 -37.61 10.46
N GLN A 99 -30.36 -38.61 9.72
CA GLN A 99 -29.58 -38.35 8.51
C GLN A 99 -30.48 -37.83 7.41
N GLN A 100 -29.90 -37.04 6.52
CA GLN A 100 -30.66 -36.47 5.41
C GLN A 100 -29.72 -36.20 4.26
N TRP A 101 -30.13 -36.60 3.05
CA TRP A 101 -29.31 -36.38 1.86
C TRP A 101 -29.83 -35.16 1.09
N TYR A 102 -28.89 -34.47 0.44
CA TYR A 102 -29.17 -33.23 -0.28
C TYR A 102 -28.34 -33.27 -1.56
N SER A 103 -28.94 -32.88 -2.68
CA SER A 103 -28.24 -32.89 -3.97
C SER A 103 -27.65 -31.51 -4.32
N TYR A 104 -26.77 -31.49 -5.31
CA TYR A 104 -26.14 -30.23 -5.71
C TYR A 104 -25.66 -30.26 -7.15
N ASP A 105 -25.61 -29.08 -7.76
CA ASP A 105 -25.12 -28.96 -9.13
C ASP A 105 -23.66 -28.55 -8.98
N LYS A 106 -23.41 -27.72 -7.98
CA LYS A 106 -22.06 -27.25 -7.66
C LYS A 106 -21.90 -27.36 -6.15
N LEU A 107 -20.79 -27.94 -5.71
CA LEU A 107 -20.52 -28.09 -4.28
C LEU A 107 -19.21 -27.38 -3.91
N ILE A 108 -19.30 -26.46 -2.95
CA ILE A 108 -18.14 -25.69 -2.49
C ILE A 108 -17.78 -26.03 -1.05
N LEU A 109 -16.63 -26.68 -0.85
CA LEU A 109 -16.19 -27.05 0.49
C LEU A 109 -15.46 -25.86 1.16
N ALA A 110 -16.06 -25.31 2.20
CA ALA A 110 -15.50 -24.18 2.95
C ALA A 110 -15.56 -24.58 4.41
N THR A 111 -15.21 -25.84 4.65
CA THR A 111 -15.30 -26.43 5.97
C THR A 111 -14.30 -25.99 7.02
N GLY A 112 -13.32 -25.20 6.63
CA GLY A 112 -12.32 -24.73 7.58
C GLY A 112 -11.50 -25.84 8.22
N ALA A 113 -10.88 -25.51 9.34
CA ALA A 113 -10.04 -26.43 10.08
C ALA A 113 -10.24 -26.23 11.57
N SER A 114 -10.80 -27.24 12.24
CA SER A 114 -11.06 -27.16 13.67
C SER A 114 -10.72 -28.45 14.39
N GLN A 115 -10.35 -29.49 13.63
CA GLN A 115 -10.00 -30.75 14.24
C GLN A 115 -8.67 -30.64 14.95
N PHE A 116 -8.64 -31.11 16.20
CA PHE A 116 -7.42 -31.08 17.00
C PHE A 116 -6.69 -32.40 16.76
N SER A 117 -5.51 -32.33 16.16
CA SER A 117 -4.72 -33.52 15.87
C SER A 117 -3.26 -33.33 16.27
N THR A 118 -2.86 -33.98 17.37
CA THR A 118 -1.50 -33.83 17.85
C THR A 118 -0.80 -35.17 18.10
N GLN A 119 0.51 -35.09 18.29
CA GLN A 119 1.34 -36.24 18.59
C GLN A 119 1.75 -36.11 20.05
N ILE A 120 1.04 -35.26 20.78
CA ILE A 120 1.33 -35.03 22.19
C ILE A 120 0.58 -36.02 23.07
N ARG A 121 1.34 -36.77 23.85
CA ARG A 121 0.78 -37.77 24.77
C ARG A 121 0.08 -37.08 25.94
N GLY A 122 -1.14 -37.51 26.24
CA GLY A 122 -1.89 -36.92 27.33
C GLY A 122 -2.40 -35.53 27.02
N SER A 123 -2.53 -35.21 25.74
CA SER A 123 -3.00 -33.90 25.30
C SER A 123 -4.49 -33.69 25.54
N GLN A 124 -5.18 -34.75 25.93
CA GLN A 124 -6.60 -34.66 26.18
C GLN A 124 -6.94 -34.17 27.59
N THR A 125 -5.97 -33.53 28.24
CA THR A 125 -6.18 -32.98 29.58
C THR A 125 -7.15 -31.83 29.45
N GLU A 126 -8.08 -31.70 30.39
CA GLU A 126 -9.02 -30.62 30.35
C GLU A 126 -8.30 -29.33 30.74
N LYS A 127 -7.10 -29.48 31.27
CA LYS A 127 -6.29 -28.34 31.70
C LYS A 127 -5.51 -27.71 30.55
N LEU A 128 -5.60 -28.32 29.36
CA LEU A 128 -4.95 -27.80 28.17
C LEU A 128 -6.06 -27.26 27.27
N LEU A 129 -6.28 -25.95 27.32
CA LEU A 129 -7.33 -25.30 26.52
C LEU A 129 -6.98 -25.22 25.02
N LYS A 130 -7.94 -25.60 24.18
CA LYS A 130 -7.74 -25.58 22.77
C LYS A 130 -8.42 -24.30 22.17
N TYR A 131 -7.59 -23.28 22.02
CA TYR A 131 -7.96 -21.94 21.57
C TYR A 131 -9.25 -21.62 20.79
N LYS A 132 -9.35 -22.02 19.51
CA LYS A 132 -10.57 -21.68 18.73
C LYS A 132 -11.85 -21.99 19.49
N PHE A 133 -11.89 -23.12 20.20
CA PHE A 133 -13.09 -23.51 20.95
C PHE A 133 -13.35 -22.50 22.07
N LEU A 134 -12.42 -21.57 22.26
CA LEU A 134 -12.58 -20.53 23.27
C LEU A 134 -13.92 -19.87 22.92
N SER A 135 -14.68 -19.50 23.93
CA SER A 135 -15.98 -18.92 23.68
C SER A 135 -16.41 -17.93 24.77
N ALA A 140 -11.23 -14.19 32.12
CA ALA A 140 -11.91 -14.92 31.05
C ALA A 140 -12.53 -16.23 31.54
N VAL A 141 -11.81 -17.34 31.32
CA VAL A 141 -12.26 -18.66 31.75
C VAL A 141 -11.70 -19.01 33.12
N PRO A 142 -12.51 -19.64 33.98
CA PRO A 142 -12.14 -20.04 35.34
C PRO A 142 -10.72 -20.60 35.50
N LEU A 143 -10.43 -21.65 34.73
CA LEU A 143 -9.12 -22.30 34.77
C LEU A 143 -7.96 -21.33 34.59
N LEU A 144 -8.07 -20.39 33.66
CA LEU A 144 -7.00 -19.43 33.43
C LEU A 144 -6.89 -18.38 34.53
N GLU A 145 -8.04 -17.89 35.01
CA GLU A 145 -8.05 -16.89 36.06
C GLU A 145 -7.42 -17.43 37.34
N ASN A 146 -7.64 -18.71 37.62
CA ASN A 146 -7.08 -19.33 38.81
C ASN A 146 -5.64 -19.81 38.57
N SER A 147 -5.09 -19.45 37.41
CA SER A 147 -3.73 -19.83 37.06
C SER A 147 -2.74 -18.71 37.37
N GLN A 148 -1.53 -19.08 37.77
CA GLN A 148 -0.50 -18.10 38.05
C GLN A 148 0.52 -18.21 36.90
N THR A 149 0.74 -19.44 36.46
CA THR A 149 1.68 -19.74 35.39
C THR A 149 0.96 -20.49 34.27
N VAL A 150 1.07 -20.00 33.04
CA VAL A 150 0.40 -20.64 31.91
C VAL A 150 1.33 -20.97 30.75
N ALA A 151 1.12 -22.13 30.15
CA ALA A 151 1.90 -22.58 29.01
C ALA A 151 1.22 -22.21 27.68
N VAL A 152 2.02 -21.82 26.69
CA VAL A 152 1.48 -21.50 25.37
C VAL A 152 2.29 -22.33 24.39
N ILE A 153 1.63 -23.25 23.70
CA ILE A 153 2.29 -24.13 22.74
C ILE A 153 2.14 -23.57 21.32
N GLY A 154 3.22 -22.98 20.82
CA GLY A 154 3.20 -22.40 19.49
C GLY A 154 3.34 -20.90 19.59
N ALA A 155 4.28 -20.35 18.83
CA ALA A 155 4.53 -18.93 18.83
C ALA A 155 4.11 -18.29 17.51
N GLY A 156 3.12 -18.88 16.85
CA GLY A 156 2.63 -18.32 15.62
C GLY A 156 1.68 -17.20 15.96
N PRO A 157 0.92 -16.68 14.99
CA PRO A 157 -0.03 -15.58 15.25
C PRO A 157 -1.02 -15.90 16.37
N ILE A 158 -1.57 -17.10 16.35
CA ILE A 158 -2.52 -17.50 17.38
C ILE A 158 -1.83 -17.47 18.73
N GLY A 159 -0.58 -17.93 18.74
CA GLY A 159 0.18 -17.97 19.97
C GLY A 159 0.43 -16.60 20.58
N GLU A 161 -1.25 -13.98 20.19
CA GLU A 161 -2.46 -13.34 20.65
C GLU A 161 -2.69 -13.79 22.08
N ALA A 162 -2.46 -15.07 22.35
CA ALA A 162 -2.63 -15.64 23.68
C ALA A 162 -1.62 -15.05 24.67
N ILE A 163 -0.36 -14.94 24.26
CA ILE A 163 0.65 -14.36 25.13
C ILE A 163 0.21 -12.95 25.53
N ASP A 164 -0.37 -12.24 24.58
CA ASP A 164 -0.85 -10.87 24.78
C ASP A 164 -1.91 -10.76 25.86
N PHE A 165 -2.94 -11.59 25.76
CA PHE A 165 -4.03 -11.57 26.74
C PHE A 165 -3.58 -12.12 28.09
N LEU A 166 -2.60 -13.01 28.07
CA LEU A 166 -2.08 -13.58 29.31
C LEU A 166 -1.20 -12.56 30.04
N VAL A 167 -0.50 -11.72 29.27
CA VAL A 167 0.35 -10.69 29.86
C VAL A 167 -0.54 -9.58 30.45
N LYS A 168 -1.72 -9.36 29.87
CA LYS A 168 -2.61 -8.34 30.39
C LYS A 168 -3.16 -8.83 31.72
N LYS A 170 -1.67 -10.44 33.71
CA LYS A 170 -0.53 -10.52 34.59
C LYS A 170 -0.18 -11.95 35.02
N LYS A 171 -0.13 -12.86 34.05
CA LYS A 171 0.20 -14.25 34.32
C LYS A 171 1.63 -14.50 33.86
N THR A 172 2.27 -15.52 34.42
CA THR A 172 3.62 -15.88 34.00
C THR A 172 3.39 -16.81 32.82
N VAL A 173 4.14 -16.60 31.74
CA VAL A 173 3.95 -17.39 30.54
C VAL A 173 5.15 -18.17 30.03
N HIS A 174 4.90 -19.44 29.72
CA HIS A 174 5.93 -20.32 29.17
C HIS A 174 5.49 -20.59 27.73
N VAL A 175 6.34 -20.20 26.79
CA VAL A 175 6.07 -20.36 25.37
C VAL A 175 6.95 -21.42 24.74
N PHE A 176 6.32 -22.40 24.11
CA PHE A 176 7.03 -23.50 23.45
C PHE A 176 6.90 -23.38 21.94
N GLU A 177 8.05 -23.34 21.27
CA GLU A 177 8.08 -23.22 19.82
C GLU A 177 9.20 -24.10 19.27
N SER A 178 8.88 -24.90 18.27
CA SER A 178 9.87 -25.80 17.67
C SER A 178 10.86 -25.06 16.78
N LEU A 179 10.42 -23.94 16.20
CA LEU A 179 11.31 -23.17 15.36
C LEU A 179 12.19 -22.21 16.15
N GLU A 180 12.99 -21.41 15.45
CA GLU A 180 13.95 -20.49 16.05
C GLU A 180 13.51 -19.23 16.78
N ASN A 181 12.37 -18.65 16.41
CA ASN A 181 11.95 -17.41 17.05
C ASN A 181 10.44 -17.24 17.02
N LEU A 182 9.94 -16.16 17.60
CA LEU A 182 8.50 -15.91 17.64
C LEU A 182 7.98 -15.60 16.23
N LEU A 183 6.77 -16.05 15.93
CA LEU A 183 6.17 -15.86 14.60
C LEU A 183 7.19 -16.31 13.53
N PRO A 184 7.80 -17.49 13.74
CA PRO A 184 8.81 -18.07 12.83
C PRO A 184 8.47 -18.17 11.34
N LYS A 185 7.21 -18.44 11.02
CA LYS A 185 6.84 -18.55 9.61
C LYS A 185 6.70 -17.17 8.95
N TYR A 186 6.78 -16.12 9.75
CA TYR A 186 6.61 -14.77 9.23
C TYR A 186 7.80 -13.82 9.36
N PHE A 187 8.63 -14.06 10.37
CA PHE A 187 9.79 -13.22 10.61
C PHE A 187 11.05 -14.01 10.86
N ASP A 188 12.18 -13.42 10.50
CA ASP A 188 13.46 -14.04 10.74
C ASP A 188 13.89 -13.55 12.11
N LYS A 189 14.71 -14.34 12.79
CA LYS A 189 15.18 -14.03 14.14
C LYS A 189 15.53 -12.56 14.46
N GLU A 190 16.45 -11.96 13.70
CA GLU A 190 16.86 -10.59 13.96
C GLU A 190 15.73 -9.54 13.85
N VAL A 192 12.71 -9.79 15.05
CA VAL A 192 11.86 -9.78 16.24
C VAL A 192 12.62 -9.99 17.56
N ALA A 193 13.95 -9.90 17.51
CA ALA A 193 14.75 -10.08 18.71
C ALA A 193 14.41 -9.06 19.80
N GLU A 194 14.07 -7.84 19.39
CA GLU A 194 13.71 -6.79 20.34
C GLU A 194 12.32 -7.02 20.89
N VAL A 195 11.44 -7.57 20.08
CA VAL A 195 10.07 -7.83 20.50
C VAL A 195 10.09 -8.88 21.62
N GLN A 196 10.94 -9.87 21.46
CA GLN A 196 11.09 -10.94 22.44
C GLN A 196 11.59 -10.38 23.76
N LYS A 197 12.67 -9.60 23.73
CA LYS A 197 13.21 -9.02 24.95
C LYS A 197 12.10 -8.26 25.64
N SER A 198 11.39 -7.46 24.87
CA SER A 198 10.28 -6.67 25.39
C SER A 198 9.32 -7.56 26.20
N LEU A 199 8.97 -8.71 25.63
CA LEU A 199 8.05 -9.61 26.31
C LEU A 199 8.72 -10.35 27.48
N GLU A 200 10.02 -10.55 27.40
CA GLU A 200 10.73 -11.24 28.46
C GLU A 200 10.74 -10.43 29.75
N LYS A 201 10.56 -9.13 29.63
CA LYS A 201 10.53 -8.24 30.78
C LYS A 201 9.11 -8.21 31.34
N GLN A 202 8.25 -9.08 30.83
CA GLN A 202 6.87 -9.13 31.30
C GLN A 202 6.40 -10.54 31.67
N ALA A 203 7.26 -11.26 32.36
CA ALA A 203 6.98 -12.62 32.82
C ALA A 203 6.71 -13.62 31.70
N VAL A 204 7.26 -13.35 30.53
CA VAL A 204 7.10 -14.25 29.39
C VAL A 204 8.44 -14.97 29.26
N ILE A 205 8.42 -16.30 29.26
CA ILE A 205 9.63 -17.10 29.18
C ILE A 205 9.57 -18.00 27.95
N PHE A 206 10.53 -17.82 27.05
CA PHE A 206 10.58 -18.57 25.80
C PHE A 206 11.42 -19.83 25.75
N HIS A 207 10.92 -20.83 25.04
CA HIS A 207 11.62 -22.08 24.87
C HIS A 207 11.58 -22.41 23.38
N PHE A 208 12.53 -21.88 22.63
CA PHE A 208 12.59 -22.13 21.18
C PHE A 208 13.34 -23.42 20.87
N GLU A 209 13.05 -23.98 19.70
CA GLU A 209 13.67 -25.21 19.26
C GLU A 209 13.44 -26.30 20.31
N GLU A 210 12.24 -26.29 20.86
CA GLU A 210 11.86 -27.25 21.88
C GLU A 210 10.44 -27.68 21.57
N THR A 211 10.21 -28.99 21.46
CA THR A 211 8.88 -29.48 21.15
C THR A 211 8.22 -30.13 22.36
N VAL A 212 6.93 -29.90 22.52
CA VAL A 212 6.20 -30.51 23.62
C VAL A 212 5.87 -31.93 23.19
N LEU A 213 6.41 -32.91 23.91
CA LEU A 213 6.20 -34.32 23.58
C LEU A 213 5.09 -35.01 24.36
N GLY A 214 4.84 -34.52 25.57
CA GLY A 214 3.78 -35.10 26.39
C GLY A 214 3.37 -34.17 27.52
N ILE A 215 2.18 -34.39 28.08
CA ILE A 215 1.68 -33.57 29.17
C ILE A 215 1.10 -34.43 30.30
N GLU A 216 1.66 -34.30 31.50
CA GLU A 216 1.17 -35.05 32.65
C GLU A 216 0.18 -34.16 33.39
N GLU A 217 -0.96 -34.72 33.74
CA GLU A 217 -1.96 -33.95 34.46
C GLU A 217 -1.85 -34.29 35.94
N THR A 218 -1.66 -33.26 36.76
CA THR A 218 -1.60 -33.47 38.20
C THR A 218 -2.94 -32.98 38.73
N ALA A 219 -3.16 -33.12 40.03
CA ALA A 219 -4.42 -32.69 40.62
C ALA A 219 -4.64 -31.20 40.49
N ASN A 220 -3.55 -30.42 40.47
CA ASN A 220 -3.67 -28.97 40.39
C ASN A 220 -2.85 -28.27 39.32
N GLY A 221 -2.42 -29.01 38.31
CA GLY A 221 -1.64 -28.40 37.25
C GLY A 221 -1.22 -29.40 36.19
N ILE A 222 -0.24 -29.00 35.38
CA ILE A 222 0.27 -29.86 34.33
C ILE A 222 1.79 -29.72 34.23
N VAL A 223 2.43 -30.74 33.67
CA VAL A 223 3.88 -30.74 33.49
C VAL A 223 4.13 -31.04 32.03
N LEU A 224 4.66 -30.06 31.29
CA LEU A 224 4.95 -30.28 29.88
C LEU A 224 6.29 -30.97 29.73
N GLU A 225 6.24 -32.13 29.11
CA GLU A 225 7.42 -32.94 28.87
C GLU A 225 7.92 -32.58 27.48
N THR A 226 9.03 -31.85 27.42
CA THR A 226 9.58 -31.44 26.14
C THR A 226 10.81 -32.24 25.79
N SER A 227 11.31 -31.98 24.60
CA SER A 227 12.49 -32.64 24.08
C SER A 227 13.75 -32.18 24.80
N GLU A 228 13.58 -31.42 25.88
CA GLU A 228 14.73 -30.90 26.62
C GLU A 228 14.55 -30.86 28.13
N GLN A 229 13.31 -30.87 28.60
CA GLN A 229 13.07 -30.78 30.04
C GLN A 229 11.61 -30.96 30.38
N GLU A 230 11.28 -30.70 31.64
CA GLU A 230 9.91 -30.77 32.12
C GLU A 230 9.60 -29.40 32.73
N ILE A 231 8.44 -28.85 32.40
CA ILE A 231 8.05 -27.55 32.93
C ILE A 231 6.70 -27.65 33.62
N SER A 232 6.59 -26.93 34.73
CA SER A 232 5.35 -26.90 35.47
C SER A 232 4.57 -25.66 35.08
N CYS A 233 3.26 -25.83 34.90
CA CYS A 233 2.35 -24.74 34.58
C CYS A 233 1.03 -25.12 35.23
N ASP A 234 0.20 -24.13 35.51
CA ASP A 234 -1.09 -24.40 36.12
C ASP A 234 -2.06 -24.87 35.06
N SER A 235 -1.90 -24.37 33.84
CA SER A 235 -2.75 -24.73 32.71
C SER A 235 -2.02 -24.39 31.41
N GLY A 236 -2.62 -24.74 30.27
CA GLY A 236 -1.98 -24.46 29.00
C GLY A 236 -2.94 -24.15 27.86
N ILE A 237 -2.44 -23.39 26.89
CA ILE A 237 -3.19 -23.01 25.70
C ILE A 237 -2.50 -23.65 24.49
N PHE A 238 -3.27 -24.35 23.66
CA PHE A 238 -2.72 -24.97 22.47
C PHE A 238 -2.89 -23.95 21.35
N ALA A 239 -1.79 -23.37 20.89
CA ALA A 239 -1.87 -22.35 19.85
C ALA A 239 -1.33 -22.74 18.49
N LEU A 240 -1.21 -24.04 18.25
CA LEU A 240 -0.73 -24.50 16.95
C LEU A 240 -1.91 -24.62 15.98
N ASN A 241 -1.62 -24.57 14.69
CA ASN A 241 -2.66 -24.66 13.66
C ASN A 241 -3.42 -25.97 13.70
N LEU A 242 -4.74 -25.88 13.75
CA LEU A 242 -5.59 -27.07 13.74
C LEU A 242 -5.77 -27.50 12.27
N HIS A 243 -6.23 -28.73 12.06
CA HIS A 243 -6.43 -29.21 10.69
C HIS A 243 -7.88 -29.37 10.28
N PRO A 244 -8.14 -29.43 8.97
CA PRO A 244 -9.50 -29.58 8.46
C PRO A 244 -10.13 -30.90 8.91
N GLN A 245 -11.33 -30.83 9.45
CA GLN A 245 -12.05 -32.04 9.87
C GLN A 245 -12.74 -32.52 8.58
N LEU A 246 -12.10 -33.41 7.85
CA LEU A 246 -12.66 -33.89 6.59
C LEU A 246 -13.05 -35.36 6.57
N ALA A 247 -13.90 -35.76 7.51
CA ALA A 247 -14.34 -37.15 7.57
C ALA A 247 -15.38 -37.38 6.48
N TYR A 248 -16.32 -36.45 6.39
CA TYR A 248 -17.41 -36.51 5.42
C TYR A 248 -16.92 -36.55 3.97
N LEU A 249 -15.64 -36.30 3.76
CA LEU A 249 -15.06 -36.27 2.43
C LEU A 249 -15.05 -37.60 1.68
N ASP A 250 -15.51 -37.54 0.42
CA ASP A 250 -15.56 -38.69 -0.49
C ASP A 250 -14.11 -39.00 -0.83
N LYS A 251 -13.73 -40.27 -0.75
CA LYS A 251 -12.35 -40.67 -1.04
C LYS A 251 -11.85 -40.40 -2.46
N LYS A 252 -12.74 -40.17 -3.41
CA LYS A 252 -12.29 -39.90 -4.77
C LYS A 252 -11.60 -38.53 -4.89
N ILE A 253 -11.89 -37.67 -3.91
CA ILE A 253 -11.35 -36.32 -3.85
C ILE A 253 -9.90 -36.32 -3.39
N GLN A 254 -9.01 -35.85 -4.27
CA GLN A 254 -7.59 -35.80 -3.97
C GLN A 254 -7.26 -34.96 -2.74
N ARG A 255 -6.33 -35.46 -1.93
CA ARG A 255 -5.94 -34.76 -0.73
C ARG A 255 -4.43 -34.64 -0.68
N ASN A 256 -3.96 -33.66 0.08
CA ASN A 256 -2.53 -33.44 0.21
C ASN A 256 -2.05 -34.21 1.42
N LEU A 257 -0.75 -34.47 1.47
CA LEU A 257 -0.16 -35.21 2.59
C LEU A 257 -0.56 -34.65 3.96
N ASP A 258 -0.69 -33.33 4.06
CA ASP A 258 -1.06 -32.69 5.34
C ASP A 258 -2.56 -32.73 5.59
N GLN A 259 -3.27 -33.48 4.74
CA GLN A 259 -4.73 -33.64 4.84
C GLN A 259 -5.61 -32.51 4.32
N THR A 260 -5.01 -31.49 3.70
CA THR A 260 -5.82 -30.42 3.14
C THR A 260 -6.29 -30.93 1.79
N ILE A 261 -7.32 -30.31 1.24
CA ILE A 261 -7.84 -30.72 -0.06
C ILE A 261 -7.02 -30.11 -1.20
N ALA A 262 -6.71 -30.91 -2.21
CA ALA A 262 -5.94 -30.41 -3.36
C ALA A 262 -6.89 -29.74 -4.36
N VAL A 263 -6.51 -28.57 -4.84
CA VAL A 263 -7.32 -27.85 -5.82
C VAL A 263 -6.35 -27.27 -6.84
N ASP A 264 -6.88 -26.94 -8.01
CA ASP A 264 -6.10 -26.36 -9.08
C ASP A 264 -6.12 -24.83 -8.93
N ALA A 265 -5.62 -24.11 -9.93
CA ALA A 265 -5.58 -22.64 -9.85
C ALA A 265 -6.95 -22.00 -9.93
N TYR A 266 -7.98 -22.81 -10.11
CA TYR A 266 -9.34 -22.28 -10.18
C TYR A 266 -10.14 -22.71 -8.98
N LEU A 267 -9.41 -23.32 -8.03
CA LEU A 267 -9.97 -23.80 -6.77
C LEU A 267 -10.94 -24.96 -6.93
N GLN A 268 -10.68 -25.84 -7.90
CA GLN A 268 -11.56 -26.97 -8.08
C GLN A 268 -10.87 -28.21 -7.54
N THR A 269 -11.64 -29.12 -6.94
CA THR A 269 -11.07 -30.34 -6.41
C THR A 269 -10.80 -31.27 -7.59
N SER A 270 -10.26 -32.45 -7.29
CA SER A 270 -9.94 -33.41 -8.33
C SER A 270 -11.17 -34.06 -8.98
N VAL A 271 -12.37 -33.70 -8.54
CA VAL A 271 -13.56 -34.29 -9.13
C VAL A 271 -14.51 -33.22 -9.64
N PRO A 272 -15.34 -33.57 -10.64
CA PRO A 272 -16.32 -32.67 -11.26
C PRO A 272 -17.30 -32.00 -10.28
N ASN A 273 -17.56 -30.72 -10.51
CA ASN A 273 -18.52 -29.95 -9.72
C ASN A 273 -18.28 -29.73 -8.24
N VAL A 274 -17.08 -30.05 -7.77
CA VAL A 274 -16.76 -29.87 -6.37
C VAL A 274 -15.54 -28.98 -6.21
N PHE A 275 -15.71 -27.91 -5.44
CA PHE A 275 -14.67 -26.92 -5.19
C PHE A 275 -14.36 -26.85 -3.70
N ALA A 276 -13.22 -26.27 -3.34
CA ALA A 276 -12.84 -26.12 -1.94
C ALA A 276 -12.05 -24.81 -1.74
N ILE A 277 -12.35 -24.10 -0.65
CA ILE A 277 -11.72 -22.81 -0.35
C ILE A 277 -11.35 -22.64 1.15
N GLY A 278 -10.72 -21.51 1.48
CA GLY A 278 -10.34 -21.24 2.85
C GLY A 278 -9.41 -22.25 3.51
N ASP A 279 -9.61 -22.47 4.80
CA ASP A 279 -8.79 -23.41 5.56
C ASP A 279 -8.88 -24.87 5.10
N CYS A 280 -9.64 -25.17 4.06
CA CYS A 280 -9.74 -26.55 3.58
C CYS A 280 -8.55 -26.92 2.74
N ILE A 281 -8.20 -26.00 1.86
CA ILE A 281 -7.16 -26.13 0.87
C ILE A 281 -5.78 -25.63 1.26
N SER A 282 -4.83 -25.92 0.38
CA SER A 282 -3.45 -25.48 0.52
C SER A 282 -3.28 -24.46 -0.59
N VAL A 283 -2.88 -23.26 -0.21
CA VAL A 283 -2.69 -22.18 -1.16
C VAL A 283 -1.31 -22.24 -1.81
N ASN A 285 2.13 -19.95 -3.51
CA ASN A 285 2.90 -18.73 -3.70
C ASN A 285 3.62 -18.94 -5.04
N GLU A 286 2.84 -18.73 -6.11
CA GLU A 286 3.20 -18.89 -7.52
C GLU A 286 4.55 -18.48 -8.09
N PRO A 287 4.95 -17.21 -7.92
CA PRO A 287 6.24 -16.76 -8.47
C PRO A 287 7.40 -17.68 -8.06
N VAL A 288 7.15 -18.45 -7.00
CA VAL A 288 8.11 -19.40 -6.46
C VAL A 288 7.39 -20.75 -6.37
N ALA A 289 6.43 -20.94 -7.27
CA ALA A 289 5.60 -22.13 -7.39
C ALA A 289 5.81 -23.20 -6.32
N GLU A 290 5.32 -22.94 -5.11
CA GLU A 290 5.44 -23.88 -4.00
C GLU A 290 4.12 -23.89 -3.21
N THR A 291 3.72 -25.07 -2.73
CA THR A 291 2.47 -25.22 -1.98
C THR A 291 2.68 -25.17 -0.46
N PHE A 292 1.78 -24.46 0.22
CA PHE A 292 1.83 -24.32 1.68
C PHE A 292 0.43 -24.05 2.26
N TYR A 293 0.26 -24.34 3.54
CA TYR A 293 -1.03 -24.13 4.19
C TYR A 293 -1.06 -22.83 4.97
N ALA A 294 -1.78 -21.83 4.47
CA ALA A 294 -1.89 -20.54 5.13
C ALA A 294 -3.33 -20.20 5.57
N PRO A 295 -3.76 -20.74 6.71
CA PRO A 295 -5.10 -20.50 7.24
C PRO A 295 -5.28 -19.06 7.76
N LEU A 296 -5.62 -18.17 6.84
CA LEU A 296 -5.83 -16.78 7.16
C LEU A 296 -7.14 -16.27 6.63
N VAL A 297 -7.71 -15.29 7.33
CA VAL A 297 -8.97 -14.72 6.89
C VAL A 297 -8.88 -14.20 5.46
N ASN A 298 -7.77 -13.56 5.10
CA ASN A 298 -7.70 -13.02 3.75
C ASN A 298 -7.70 -14.12 2.68
N ASN A 299 -7.18 -15.30 2.98
CA ASN A 299 -7.22 -16.37 1.98
C ASN A 299 -8.65 -16.90 1.90
N ALA A 300 -9.32 -16.93 3.05
CA ALA A 300 -10.68 -17.41 3.10
C ALA A 300 -11.59 -16.49 2.30
N VAL A 301 -11.51 -15.19 2.55
CA VAL A 301 -12.34 -14.25 1.82
C VAL A 301 -12.03 -14.22 0.33
N ARG A 302 -10.75 -14.18 0.01
CA ARG A 302 -10.34 -14.13 -1.39
C ARG A 302 -10.66 -15.40 -2.18
N THR A 303 -10.36 -16.57 -1.63
CA THR A 303 -10.68 -17.81 -2.34
C THR A 303 -12.21 -17.94 -2.54
N GLY A 304 -12.98 -17.55 -1.53
CA GLY A 304 -14.43 -17.61 -1.64
C GLY A 304 -14.99 -16.70 -2.74
N LEU A 305 -14.52 -15.46 -2.79
CA LEU A 305 -14.98 -14.54 -3.83
C LEU A 305 -14.63 -15.04 -5.23
N VAL A 306 -13.51 -15.74 -5.34
CA VAL A 306 -13.06 -16.24 -6.64
C VAL A 306 -13.72 -17.54 -7.15
N VAL A 307 -13.96 -18.54 -6.28
CA VAL A 307 -14.59 -19.78 -6.75
C VAL A 307 -15.86 -19.46 -7.52
N ALA A 308 -16.60 -18.50 -6.99
CA ALA A 308 -17.86 -18.07 -7.57
C ALA A 308 -17.82 -17.77 -9.06
N ASN A 309 -16.65 -17.43 -9.57
CA ASN A 309 -16.53 -17.11 -10.98
C ASN A 309 -15.90 -18.24 -11.78
N ASN A 310 -15.71 -19.38 -11.13
CA ASN A 310 -15.12 -20.54 -11.78
C ASN A 310 -15.98 -21.80 -11.63
N LEU A 311 -17.24 -21.62 -11.27
CA LEU A 311 -18.15 -22.75 -11.05
C LEU A 311 -18.56 -23.47 -12.33
N GLU A 312 -18.45 -22.79 -13.46
CA GLU A 312 -18.81 -23.40 -14.73
C GLU A 312 -17.65 -23.33 -15.70
N GLU A 313 -17.01 -22.18 -15.76
CA GLU A 313 -15.87 -22.03 -16.65
C GLU A 313 -14.65 -21.52 -15.91
N LYS A 314 -13.48 -22.02 -16.28
CA LYS A 314 -12.23 -21.59 -15.70
C LYS A 314 -11.99 -20.14 -16.13
N THR A 315 -12.67 -19.22 -15.48
CA THR A 315 -12.62 -17.79 -15.77
C THR A 315 -11.46 -16.99 -15.17
N HIS A 316 -11.26 -17.10 -13.86
CA HIS A 316 -10.21 -16.35 -13.20
C HIS A 316 -9.36 -17.16 -12.23
N ARG A 317 -8.07 -17.30 -12.55
CA ARG A 317 -7.16 -18.04 -11.70
C ARG A 317 -7.00 -17.36 -10.34
N PHE A 318 -6.91 -18.14 -9.29
CA PHE A 318 -6.68 -17.59 -7.96
C PHE A 318 -5.22 -17.15 -8.03
N ILE A 319 -4.94 -15.94 -7.58
CA ILE A 319 -3.58 -15.43 -7.64
C ILE A 319 -2.65 -16.12 -6.66
N GLY A 320 -3.21 -16.73 -5.62
CA GLY A 320 -2.38 -17.39 -4.64
C GLY A 320 -2.26 -16.59 -3.35
N SER A 321 -1.44 -17.07 -2.43
CA SER A 321 -1.26 -16.39 -1.16
C SER A 321 0.20 -16.17 -0.82
N LEU A 322 0.46 -15.13 -0.03
CA LEU A 322 1.81 -14.81 0.39
C LEU A 322 1.88 -14.80 1.91
N ARG A 323 0.88 -15.38 2.57
CA ARG A 323 0.81 -15.39 4.03
C ARG A 323 0.95 -13.95 4.51
N THR A 324 0.16 -13.05 3.92
CA THR A 324 0.25 -11.66 4.30
C THR A 324 -0.42 -11.45 5.65
N GLY A 326 -0.52 -8.90 9.50
CA GLY A 326 -0.18 -7.70 10.25
C GLY A 326 -0.82 -7.73 11.61
N THR A 327 -0.05 -7.45 12.65
CA THR A 327 -0.57 -7.46 13.99
C THR A 327 0.22 -6.53 14.91
N LYS A 328 -0.11 -6.60 16.18
CA LYS A 328 0.57 -5.79 17.17
C LYS A 328 0.87 -6.66 18.37
N VAL A 329 2.15 -6.79 18.71
CA VAL A 329 2.56 -7.57 19.85
C VAL A 329 3.09 -6.55 20.83
N GLY A 330 2.33 -6.29 21.88
CA GLY A 330 2.76 -5.31 22.86
C GLY A 330 2.72 -3.94 22.20
N ASP A 331 3.84 -3.24 22.24
CA ASP A 331 3.92 -1.92 21.63
C ASP A 331 4.41 -1.97 20.18
N TYR A 332 4.76 -3.16 19.72
CA TYR A 332 5.28 -3.32 18.37
C TYR A 332 4.26 -3.71 17.29
N TYR A 333 4.30 -2.99 16.17
CA TYR A 333 3.44 -3.29 15.04
C TYR A 333 4.31 -4.16 14.17
N LEU A 334 3.80 -5.33 13.78
CA LEU A 334 4.59 -6.24 12.95
C LEU A 334 3.77 -6.64 11.76
N ALA A 335 4.39 -6.68 10.59
CA ALA A 335 3.70 -7.08 9.37
C ALA A 335 4.67 -7.93 8.55
N SER A 336 4.14 -8.85 7.77
CA SER A 336 4.99 -9.75 7.00
C SER A 336 4.27 -10.25 5.76
N THR A 337 5.05 -10.64 4.75
CA THR A 337 4.51 -11.16 3.51
C THR A 337 5.60 -11.80 2.68
N GLY A 338 5.26 -12.87 1.98
CA GLY A 338 6.23 -13.55 1.14
C GLY A 338 7.15 -14.49 1.90
N LEU A 339 8.28 -14.82 1.29
CA LEU A 339 9.26 -15.74 1.88
C LEU A 339 10.15 -15.09 2.93
N THR A 340 10.44 -15.83 3.98
CA THR A 340 11.34 -15.31 4.99
C THR A 340 12.70 -15.80 4.53
N GLU A 341 13.76 -15.16 4.99
CA GLU A 341 15.09 -15.57 4.57
C GLU A 341 15.35 -16.98 5.12
N THR A 342 14.83 -17.25 6.31
CA THR A 342 15.01 -18.53 6.95
C THR A 342 14.49 -19.72 6.16
N GLU A 343 13.28 -19.62 5.59
CA GLU A 343 12.73 -20.71 4.81
C GLU A 343 13.32 -20.75 3.40
N GLY A 344 14.18 -19.79 3.10
CA GLY A 344 14.79 -19.74 1.79
C GLY A 344 15.73 -20.92 1.56
N LEU A 345 16.08 -21.62 2.65
CA LEU A 345 16.96 -22.77 2.56
C LEU A 345 16.26 -23.90 1.82
N PHE A 346 14.93 -23.84 1.80
CA PHE A 346 14.14 -24.87 1.15
C PHE A 346 13.63 -24.47 -0.23
N PHE A 347 14.22 -23.44 -0.82
CA PHE A 347 13.79 -23.01 -2.15
C PHE A 347 14.96 -22.94 -3.14
N PRO A 348 14.66 -23.05 -4.44
CA PRO A 348 15.69 -22.98 -5.48
C PRO A 348 16.34 -21.61 -5.57
N GLN A 349 15.54 -20.56 -5.43
CA GLN A 349 16.03 -19.19 -5.48
C GLN A 349 17.16 -18.97 -4.50
N THR A 350 18.16 -18.21 -4.93
CA THR A 350 19.27 -17.88 -4.05
C THR A 350 18.78 -16.60 -3.38
N LEU A 351 18.32 -16.71 -2.14
CA LEU A 351 17.80 -15.54 -1.45
C LEU A 351 18.85 -14.66 -0.81
N ALA A 352 18.62 -13.35 -0.90
CA ALA A 352 19.50 -12.36 -0.31
C ALA A 352 18.56 -11.39 0.38
N SER A 353 19.11 -10.52 1.22
CA SER A 353 18.27 -9.57 1.92
C SER A 353 19.01 -8.35 2.41
N ILE A 354 18.24 -7.33 2.74
CA ILE A 354 18.84 -6.13 3.25
C ILE A 354 17.86 -5.63 4.28
N ILE A 355 18.35 -4.87 5.26
CA ILE A 355 17.51 -4.31 6.30
C ILE A 355 17.65 -2.81 6.22
N VAL A 356 16.54 -2.10 6.33
CA VAL A 356 16.53 -0.65 6.28
C VAL A 356 15.97 -0.08 7.57
N ARG A 357 16.62 0.96 8.06
CA ARG A 357 16.15 1.64 9.26
C ARG A 357 15.89 3.05 8.79
N GLN A 358 14.72 3.58 9.11
CA GLN A 358 14.37 4.91 8.72
C GLN A 358 13.39 5.46 9.74
N PRO A 359 13.74 6.60 10.37
CA PRO A 359 12.85 7.22 11.37
C PRO A 359 11.48 7.45 10.73
N ALA A 360 10.42 7.27 11.53
CA ALA A 360 9.05 7.42 11.05
C ALA A 360 8.75 8.73 10.30
N PRO A 361 7.77 8.68 9.37
CA PRO A 361 7.25 9.73 8.47
C PRO A 361 7.22 11.20 8.86
N PRO A 362 7.24 11.54 10.16
CA PRO A 362 7.24 13.00 10.34
C PRO A 362 8.60 13.58 9.95
N LEU A 363 8.85 13.61 8.64
CA LEU A 363 10.12 14.06 8.06
C LEU A 363 11.32 13.58 8.86
N GLN A 364 11.45 12.25 8.91
CA GLN A 364 12.51 11.53 9.61
C GLN A 364 12.91 12.09 10.97
N HIS A 365 11.96 12.05 11.89
CA HIS A 365 12.17 12.52 13.26
C HIS A 365 11.50 11.52 14.17
N GLY A 366 10.42 10.92 13.67
CA GLY A 366 9.66 9.94 14.43
C GLY A 366 10.43 8.71 14.86
N THR A 367 9.68 7.70 15.30
CA THR A 367 10.26 6.45 15.76
C THR A 367 10.75 5.53 14.64
N GLU A 368 11.78 4.75 14.95
CA GLU A 368 12.38 3.83 13.99
C GLU A 368 11.42 2.84 13.35
N ILE A 369 11.63 2.60 12.06
CA ILE A 369 10.86 1.64 11.32
C ILE A 369 11.87 0.66 10.72
N LEU A 370 11.76 -0.60 11.13
CA LEU A 370 12.64 -1.65 10.65
C LEU A 370 12.00 -2.34 9.47
N GLY A 371 12.73 -2.43 8.38
CA GLY A 371 12.21 -3.09 7.20
C GLY A 371 13.22 -4.05 6.60
N LYS A 372 12.77 -5.28 6.34
CA LYS A 372 13.64 -6.26 5.73
C LYS A 372 13.02 -6.67 4.42
N LEU A 373 13.86 -6.76 3.39
CA LEU A 373 13.41 -7.16 2.06
C LEU A 373 14.16 -8.41 1.60
N ILE A 374 13.42 -9.41 1.15
CA ILE A 374 14.01 -10.66 0.67
C ILE A 374 13.81 -10.70 -0.83
N TYR A 375 14.90 -10.91 -1.58
CA TYR A 375 14.81 -10.96 -3.02
C TYR A 375 15.67 -12.07 -3.62
N ASP A 376 15.41 -12.40 -4.88
CA ASP A 376 16.16 -13.42 -5.57
C ASP A 376 17.44 -12.71 -6.01
N LYS A 377 18.58 -13.22 -5.59
CA LYS A 377 19.86 -12.59 -5.91
C LYS A 377 20.23 -12.66 -7.39
N VAL A 378 19.60 -13.56 -8.13
CA VAL A 378 19.91 -13.71 -9.54
C VAL A 378 18.97 -12.94 -10.44
N THR A 379 17.70 -13.04 -10.13
CA THR A 379 16.66 -12.40 -10.91
C THR A 379 16.32 -11.00 -10.40
N GLN A 380 16.62 -10.75 -9.13
CA GLN A 380 16.32 -9.47 -8.48
C GLN A 380 14.83 -9.24 -8.29
N ARG A 381 14.08 -10.33 -8.24
CA ARG A 381 12.64 -10.29 -8.02
C ARG A 381 12.42 -10.18 -6.51
N VAL A 382 11.47 -9.35 -6.12
CA VAL A 382 11.16 -9.18 -4.70
C VAL A 382 10.36 -10.40 -4.27
N LEU A 383 10.74 -11.04 -3.18
CA LEU A 383 10.04 -12.24 -2.76
C LEU A 383 9.48 -12.18 -1.35
N GLY A 384 9.99 -11.27 -0.54
CA GLY A 384 9.48 -11.17 0.82
C GLY A 384 9.81 -9.86 1.52
N ALA A 385 9.02 -9.53 2.54
CA ALA A 385 9.25 -8.32 3.30
C ALA A 385 8.73 -8.47 4.72
N GLN A 386 9.43 -7.84 5.66
CA GLN A 386 9.07 -7.85 7.08
C GLN A 386 9.18 -6.41 7.58
N LEU A 387 8.29 -6.04 8.49
CA LEU A 387 8.26 -4.69 9.04
C LEU A 387 8.02 -4.72 10.56
N CYS A 388 8.82 -3.98 11.31
CA CYS A 388 8.65 -3.90 12.76
C CYS A 388 8.81 -2.45 13.20
N SER A 389 7.85 -1.93 13.93
CA SER A 389 7.93 -0.54 14.37
C SER A 389 6.90 -0.23 15.46
N LYS A 390 7.12 0.84 16.20
CA LYS A 390 6.17 1.23 17.23
C LYS A 390 5.15 2.15 16.57
N ASN A 391 5.47 2.56 15.35
CA ASN A 391 4.58 3.39 14.57
C ASN A 391 3.74 2.40 13.76
N ASN A 392 2.46 2.70 13.60
CA ASN A 392 1.62 1.80 12.84
C ASN A 392 1.77 2.03 11.35
N CYS A 393 2.73 1.34 10.75
CA CYS A 393 2.97 1.46 9.31
C CYS A 393 2.47 0.22 8.56
N LEU A 394 1.81 -0.70 9.27
CA LEU A 394 1.29 -1.95 8.70
C LEU A 394 0.73 -1.91 7.28
N GLU A 395 0.03 -0.85 6.91
CA GLU A 395 -0.57 -0.78 5.57
C GLU A 395 0.50 -0.90 4.49
N LYS A 396 1.73 -0.56 4.83
CA LYS A 396 2.80 -0.65 3.85
C LYS A 396 3.05 -2.09 3.43
N ILE A 397 2.62 -3.05 4.27
CA ILE A 397 2.80 -4.47 3.97
C ILE A 397 1.89 -4.85 2.80
N ASN A 398 0.76 -4.15 2.68
CA ASN A 398 -0.15 -4.45 1.58
C ASN A 398 0.45 -3.98 0.27
N THR A 399 1.31 -2.96 0.35
CA THR A 399 1.97 -2.41 -0.82
C THR A 399 3.10 -3.39 -1.18
N LEU A 400 3.91 -3.75 -0.19
CA LEU A 400 4.99 -4.69 -0.43
C LEU A 400 4.45 -6.03 -0.96
N ALA A 401 3.29 -6.43 -0.47
CA ALA A 401 2.67 -7.69 -0.89
C ALA A 401 2.31 -7.58 -2.38
N LEU A 402 1.70 -6.46 -2.76
CA LEU A 402 1.32 -6.22 -4.14
C LEU A 402 2.57 -6.21 -5.03
N SER A 403 3.66 -5.64 -4.53
CA SER A 403 4.90 -5.57 -5.28
C SER A 403 5.40 -6.97 -5.67
N ILE A 404 5.40 -7.90 -4.70
CA ILE A 404 5.83 -9.27 -4.92
C ILE A 404 4.85 -10.05 -5.83
N GLN A 405 3.58 -9.84 -5.59
CA GLN A 405 2.53 -10.52 -6.33
C GLN A 405 2.40 -10.08 -7.78
N THR A 406 3.07 -8.99 -8.15
CA THR A 406 3.02 -8.53 -9.53
C THR A 406 4.35 -8.78 -10.22
N GLY A 407 5.26 -9.43 -9.51
CA GLY A 407 6.56 -9.75 -10.07
C GLY A 407 7.57 -8.63 -10.20
N GLN A 408 7.50 -7.64 -9.32
CA GLN A 408 8.44 -6.53 -9.39
C GLN A 408 9.86 -6.90 -9.00
N THR A 409 10.81 -6.18 -9.57
CA THR A 409 12.22 -6.37 -9.28
C THR A 409 12.64 -5.23 -8.36
N LEU A 410 13.88 -5.27 -7.88
CA LEU A 410 14.37 -4.22 -6.99
C LEU A 410 14.23 -2.89 -7.72
N THR A 411 14.54 -2.93 -9.02
CA THR A 411 14.47 -1.77 -9.90
C THR A 411 13.04 -1.23 -10.01
N ASP A 412 12.04 -2.11 -10.07
CA ASP A 412 10.66 -1.64 -10.18
C ASP A 412 10.19 -0.99 -8.87
N LEU A 413 10.45 -1.67 -7.76
CA LEU A 413 10.05 -1.20 -6.44
C LEU A 413 10.67 0.16 -6.13
N LEU A 414 11.96 0.26 -6.45
CA LEU A 414 12.77 1.47 -6.25
C LEU A 414 12.10 2.74 -6.83
N GLN A 415 11.42 2.61 -7.97
CA GLN A 415 10.80 3.77 -8.61
C GLN A 415 9.29 3.79 -8.74
N LYS A 416 8.58 2.95 -8.00
CA LYS A 416 7.12 2.94 -8.07
C LYS A 416 6.57 4.27 -7.52
N ASP A 417 5.40 4.67 -7.98
CA ASP A 417 4.77 5.88 -7.49
C ASP A 417 4.55 5.77 -5.99
N TYR A 418 4.55 6.92 -5.33
CA TYR A 418 4.30 7.00 -3.89
C TYR A 418 4.01 8.48 -3.67
N PHE A 419 3.43 8.85 -2.53
CA PHE A 419 3.15 10.26 -2.32
C PHE A 419 3.98 10.90 -1.21
N TYR A 420 4.27 12.19 -1.39
CA TYR A 420 5.03 12.95 -0.44
C TYR A 420 4.19 14.12 0.09
N GLN A 421 4.36 14.41 1.37
CA GLN A 421 3.65 15.50 2.05
C GLN A 421 4.49 15.75 3.30
N PRO A 422 5.23 16.86 3.33
CA PRO A 422 6.10 17.21 4.46
C PRO A 422 5.62 16.89 5.89
N SER A 423 4.32 16.97 6.15
CA SER A 423 3.86 16.67 7.51
C SER A 423 3.25 15.27 7.66
N LEU A 424 3.25 14.50 6.58
CA LEU A 424 2.66 13.17 6.62
C LEU A 424 3.59 12.05 6.18
N THR A 425 4.61 12.36 5.40
CA THR A 425 5.52 11.33 4.93
C THR A 425 6.96 11.79 4.97
N ASN A 426 7.86 10.89 4.57
CA ASN A 426 9.27 11.23 4.47
C ASN A 426 9.44 11.52 2.98
N ILE A 427 10.60 12.07 2.61
CA ILE A 427 10.89 12.41 1.23
C ILE A 427 10.83 11.18 0.30
N TYR A 428 11.42 10.08 0.72
CA TYR A 428 11.44 8.86 -0.08
C TYR A 428 10.85 7.69 0.72
N ASP A 429 9.71 7.19 0.29
CA ASP A 429 9.01 6.07 0.97
C ASP A 429 9.95 4.92 1.35
N ILE A 430 9.81 4.44 2.59
CA ILE A 430 10.64 3.33 3.06
C ILE A 430 10.43 2.11 2.18
N THR A 431 9.27 1.98 1.56
CA THR A 431 9.01 0.82 0.71
C THR A 431 9.89 0.87 -0.54
N ASN A 432 9.97 2.04 -1.15
CA ASN A 432 10.80 2.22 -2.33
C ASN A 432 12.28 2.08 -1.92
N LEU A 433 12.62 2.67 -0.78
CA LEU A 433 13.99 2.64 -0.27
C LEU A 433 14.50 1.22 -0.04
N GLY A 435 13.76 -1.37 -1.77
CA GLY A 435 14.14 -1.89 -3.08
C GLY A 435 15.44 -1.22 -3.55
N ALA A 436 15.55 0.09 -3.38
CA ALA A 436 16.76 0.80 -3.79
C ALA A 436 17.98 0.28 -3.03
N SER A 437 17.88 0.19 -1.71
CA SER A 437 18.99 -0.28 -0.88
C SER A 437 19.49 -1.65 -1.35
N ALA A 438 18.57 -2.54 -1.66
CA ALA A 438 18.94 -3.87 -2.14
C ALA A 438 19.64 -3.73 -3.49
N TYR A 439 19.10 -2.87 -4.35
CA TYR A 439 19.69 -2.66 -5.67
C TYR A 439 21.12 -2.15 -5.59
N TRP A 440 21.33 -1.14 -4.77
CA TRP A 440 22.65 -0.55 -4.61
C TRP A 440 23.64 -1.57 -4.04
N ARG A 441 23.22 -2.30 -3.02
CA ARG A 441 24.09 -3.29 -2.40
C ARG A 441 24.47 -4.38 -3.41
N GLU A 442 23.60 -4.63 -4.38
CA GLU A 442 23.88 -5.64 -5.39
C GLU A 442 24.88 -5.13 -6.42
N ASN A 443 25.14 -3.82 -6.40
CA ASN A 443 26.11 -3.23 -7.32
C ASN A 443 27.40 -2.95 -6.54
N ASP A 444 27.65 -3.76 -5.49
CA ASP A 444 28.80 -3.62 -4.65
C ASP A 444 28.93 -2.22 -4.09
N SER B 2 37.32 7.66 -14.80
CA SER B 2 37.32 9.08 -14.33
C SER B 2 36.20 9.88 -15.01
N LEU B 3 35.00 9.31 -14.97
CA LEU B 3 33.82 9.94 -15.57
C LEU B 3 33.43 11.18 -14.77
N LYS B 4 33.26 12.30 -15.47
CA LYS B 4 32.88 13.56 -14.83
C LYS B 4 31.39 13.86 -15.05
N ILE B 5 30.60 13.67 -13.99
CA ILE B 5 29.15 13.89 -14.02
C ILE B 5 28.83 15.22 -13.38
N VAL B 6 28.15 16.10 -14.12
CA VAL B 6 27.81 17.41 -13.59
C VAL B 6 26.30 17.56 -13.50
N ILE B 7 25.84 17.91 -12.30
CA ILE B 7 24.42 18.07 -12.03
C ILE B 7 24.03 19.50 -11.69
N ILE B 8 23.22 20.12 -12.55
CA ILE B 8 22.80 21.48 -12.30
C ILE B 8 21.49 21.49 -11.51
N GLY B 9 21.55 21.98 -10.27
CA GLY B 9 20.37 22.04 -9.43
C GLY B 9 20.52 21.11 -8.25
N ALA B 10 20.77 21.66 -7.06
CA ALA B 10 20.98 20.85 -5.86
C ALA B 10 19.74 20.80 -5.00
N SER B 11 18.70 20.18 -5.54
CA SER B 11 17.44 20.04 -4.87
C SER B 11 17.06 18.56 -4.77
N PHE B 12 15.75 18.29 -4.73
CA PHE B 12 15.27 16.91 -4.63
C PHE B 12 15.77 16.06 -5.77
N ALA B 13 15.51 16.50 -6.99
CA ALA B 13 15.94 15.76 -8.16
C ALA B 13 17.45 15.64 -8.21
N GLY B 14 18.13 16.79 -8.22
CA GLY B 14 19.59 16.83 -8.30
C GLY B 14 20.37 16.09 -7.24
N ILE B 15 19.96 16.26 -5.98
CA ILE B 15 20.62 15.60 -4.88
C ILE B 15 20.41 14.08 -4.99
N SER B 16 19.23 13.69 -5.47
CA SER B 16 18.93 12.26 -5.64
C SER B 16 19.84 11.70 -6.73
N ALA B 17 20.01 12.46 -7.81
CA ALA B 17 20.85 12.04 -8.90
C ALA B 17 22.30 11.92 -8.40
N ALA B 18 22.73 12.90 -7.61
CA ALA B 18 24.08 12.87 -7.07
C ALA B 18 24.28 11.62 -6.22
N ILE B 19 23.39 11.41 -5.25
CA ILE B 19 23.50 10.23 -4.38
C ILE B 19 23.56 8.96 -5.20
N ALA B 20 22.61 8.81 -6.11
CA ALA B 20 22.51 7.63 -6.95
C ALA B 20 23.70 7.45 -7.88
N SER B 21 24.26 8.55 -8.36
CA SER B 21 25.40 8.51 -9.26
C SER B 21 26.62 8.03 -8.50
N ARG B 22 26.70 8.42 -7.24
CA ARG B 22 27.82 8.03 -6.40
C ARG B 22 27.73 6.51 -6.20
N LYS B 23 26.54 6.02 -5.87
CA LYS B 23 26.34 4.59 -5.66
C LYS B 23 26.81 3.81 -6.86
N LYS B 24 26.40 4.22 -8.05
CA LYS B 24 26.77 3.52 -9.27
C LYS B 24 28.21 3.75 -9.71
N TYR B 25 28.75 4.90 -9.40
CA TYR B 25 30.13 5.22 -9.78
C TYR B 25 30.93 5.69 -8.56
N PRO B 26 31.49 4.74 -7.80
CA PRO B 26 32.27 5.09 -6.62
C PRO B 26 33.54 5.87 -6.95
N GLN B 27 34.01 5.73 -8.19
CA GLN B 27 35.21 6.41 -8.64
C GLN B 27 34.92 7.43 -9.72
N ALA B 28 33.91 8.27 -9.50
CA ALA B 28 33.57 9.27 -10.50
C ALA B 28 33.59 10.66 -9.90
N GLU B 29 33.91 11.64 -10.74
CA GLU B 29 33.94 13.03 -10.32
C GLU B 29 32.49 13.50 -10.47
N ILE B 30 31.88 13.91 -9.38
CA ILE B 30 30.50 14.35 -9.40
C ILE B 30 30.37 15.74 -8.83
N SER B 31 29.88 16.67 -9.66
CA SER B 31 29.71 18.05 -9.23
C SER B 31 28.25 18.46 -9.19
N LEU B 32 27.86 19.08 -8.09
CA LEU B 32 26.51 19.56 -7.88
C LEU B 32 26.57 21.08 -7.89
N ILE B 33 25.93 21.70 -8.88
CA ILE B 33 25.93 23.15 -9.04
C ILE B 33 24.60 23.81 -8.73
N ASP B 34 24.63 24.89 -7.97
CA ASP B 34 23.40 25.60 -7.62
C ASP B 34 23.66 27.08 -7.39
N LYS B 35 22.71 27.91 -7.80
CA LYS B 35 22.84 29.35 -7.68
C LYS B 35 22.57 29.86 -6.26
N GLN B 36 22.26 28.95 -5.34
CA GLN B 36 21.98 29.36 -3.96
C GLN B 36 23.19 29.27 -3.05
N ALA B 37 23.07 29.82 -1.85
CA ALA B 37 24.16 29.83 -0.89
C ALA B 37 24.21 28.52 -0.11
N THR B 38 23.03 27.94 0.13
CA THR B 38 22.92 26.70 0.89
C THR B 38 22.05 25.68 0.17
N VAL B 39 22.18 24.41 0.56
CA VAL B 39 21.39 23.36 -0.04
C VAL B 39 20.93 22.34 0.99
N GLY B 40 19.76 21.76 0.74
CA GLY B 40 19.23 20.76 1.64
C GLY B 40 18.15 21.25 2.59
N TYR B 41 17.43 22.30 2.21
CA TYR B 41 16.37 22.85 3.03
C TYR B 41 15.01 22.65 2.38
N LEU B 42 13.99 22.45 3.20
CA LEU B 42 12.64 22.26 2.69
C LEU B 42 12.01 23.60 2.32
N SER B 43 10.74 23.57 1.94
CA SER B 43 10.02 24.80 1.56
C SER B 43 8.51 24.55 1.49
N GLY B 44 7.77 25.59 1.10
CA GLY B 44 6.33 25.48 1.00
C GLY B 44 5.64 26.74 1.51
N ALA B 60 13.16 21.86 6.79
CA ALA B 60 14.11 22.32 7.80
C ALA B 60 15.36 21.44 7.80
N ARG B 61 15.97 21.27 6.62
CA ARG B 61 17.19 20.49 6.44
C ARG B 61 16.99 18.97 6.38
N TYR B 62 17.08 18.41 5.17
CA TYR B 62 16.93 16.96 5.00
C TYR B 62 18.24 16.30 4.61
N ILE B 63 19.25 17.12 4.34
CA ILE B 63 20.57 16.63 3.96
C ILE B 63 21.54 17.78 4.20
N THR B 64 22.64 17.49 4.87
CA THR B 64 23.64 18.51 5.16
C THR B 64 24.74 18.49 4.11
N GLU B 65 25.38 19.64 3.94
CA GLU B 65 26.46 19.75 2.98
C GLU B 65 27.55 18.79 3.43
N GLU B 66 27.63 18.61 4.74
CA GLU B 66 28.61 17.72 5.35
C GLU B 66 28.37 16.29 4.87
N GLU B 67 27.10 15.96 4.64
CA GLU B 67 26.70 14.64 4.18
C GLU B 67 27.10 14.42 2.73
N LEU B 68 26.73 15.35 1.86
CA LEU B 68 27.06 15.24 0.43
C LEU B 68 28.57 15.25 0.28
N ARG B 69 29.22 16.02 1.15
CA ARG B 69 30.67 16.15 1.16
C ARG B 69 31.30 14.79 1.50
N ARG B 70 30.71 14.08 2.46
CA ARG B 70 31.23 12.78 2.86
C ARG B 70 31.07 11.73 1.75
N GLN B 71 30.17 12.00 0.80
CA GLN B 71 29.96 11.08 -0.32
C GLN B 71 30.76 11.54 -1.53
N LYS B 72 31.72 12.43 -1.29
CA LYS B 72 32.58 12.96 -2.34
C LYS B 72 31.78 13.61 -3.45
N ILE B 73 30.90 14.52 -3.07
CA ILE B 73 30.07 15.26 -4.02
C ILE B 73 30.52 16.71 -3.97
N GLN B 74 31.18 17.16 -5.03
CA GLN B 74 31.66 18.53 -5.12
C GLN B 74 30.51 19.53 -5.16
N LEU B 75 30.31 20.24 -4.06
CA LEU B 75 29.26 21.24 -3.96
C LEU B 75 29.73 22.58 -4.47
N LEU B 76 29.20 23.00 -5.63
CA LEU B 76 29.59 24.28 -6.21
C LEU B 76 28.42 25.25 -6.07
N LEU B 77 28.36 25.93 -4.94
CA LEU B 77 27.27 26.86 -4.69
C LEU B 77 27.56 28.29 -5.18
N ASN B 78 26.56 29.15 -5.07
CA ASN B 78 26.67 30.56 -5.49
C ASN B 78 27.08 30.69 -6.95
N ARG B 79 26.68 29.73 -7.77
CA ARG B 79 26.99 29.75 -9.19
C ARG B 79 25.71 29.60 -10.00
N GLU B 80 25.46 30.53 -10.90
CA GLU B 80 24.26 30.47 -11.71
C GLU B 80 24.60 30.14 -13.17
N VAL B 81 24.12 29.01 -13.64
CA VAL B 81 24.38 28.62 -15.02
C VAL B 81 23.63 29.54 -15.98
N VAL B 82 24.34 30.14 -16.92
CA VAL B 82 23.72 31.04 -17.88
C VAL B 82 23.86 30.60 -19.32
N ALA B 83 24.71 29.61 -19.57
CA ALA B 83 24.92 29.14 -20.93
C ALA B 83 25.58 27.77 -20.97
N ASP B 85 27.22 24.58 -24.03
CA ASP B 85 27.61 24.20 -25.38
C ASP B 85 27.50 22.68 -25.49
N VAL B 86 26.43 22.20 -26.15
CA VAL B 86 26.23 20.77 -26.29
C VAL B 86 27.32 20.09 -27.11
N GLU B 87 27.65 20.66 -28.26
CA GLU B 87 28.69 20.10 -29.12
C GLU B 87 30.02 19.88 -28.43
N ASN B 88 30.48 20.87 -27.66
CA ASN B 88 31.76 20.75 -26.97
C ASN B 88 31.64 20.33 -25.51
N GLN B 89 30.40 20.11 -25.06
CA GLN B 89 30.10 19.68 -23.70
C GLN B 89 30.62 20.57 -22.57
N LEU B 90 30.13 21.80 -22.55
CA LEU B 90 30.50 22.78 -21.53
C LEU B 90 29.28 23.55 -21.05
N ILE B 91 29.35 24.08 -19.84
CA ILE B 91 28.29 24.91 -19.26
C ILE B 91 29.02 26.11 -18.67
N ALA B 92 28.32 27.22 -18.54
CA ALA B 92 28.95 28.41 -17.98
C ALA B 92 28.06 28.99 -16.88
N TRP B 93 28.70 29.43 -15.79
CA TRP B 93 27.97 30.02 -14.69
C TRP B 93 28.52 31.39 -14.34
N THR B 94 27.70 32.19 -13.67
CA THR B 94 28.07 33.54 -13.25
C THR B 94 28.27 33.61 -11.74
N ARG B 95 29.53 33.71 -11.33
CA ARG B 95 29.89 33.80 -9.91
C ARG B 95 30.61 35.13 -9.68
N LYS B 96 29.97 36.03 -8.94
CA LYS B 96 30.53 37.34 -8.65
C LYS B 96 30.71 38.15 -9.93
N GLU B 97 29.66 38.15 -10.76
CA GLU B 97 29.67 38.85 -12.04
C GLU B 97 30.85 38.55 -12.94
N GLU B 98 31.29 37.30 -12.90
CA GLU B 98 32.40 36.84 -13.72
C GLU B 98 32.05 35.44 -14.24
N GLN B 99 31.86 35.31 -15.55
CA GLN B 99 31.53 34.02 -16.13
C GLN B 99 32.67 33.01 -16.04
N GLN B 100 32.32 31.74 -16.05
CA GLN B 100 33.30 30.67 -15.97
C GLN B 100 32.76 29.45 -16.68
N TRP B 101 33.65 28.66 -17.27
CA TRP B 101 33.21 27.49 -17.99
C TRP B 101 33.64 26.21 -17.30
N TYR B 102 32.83 25.17 -17.47
CA TYR B 102 33.04 23.87 -16.85
C TYR B 102 32.68 22.81 -17.88
N SER B 103 33.48 21.76 -17.97
CA SER B 103 33.21 20.68 -18.93
C SER B 103 32.55 19.50 -18.24
N TYR B 104 31.98 18.59 -19.04
CA TYR B 104 31.30 17.43 -18.48
C TYR B 104 31.29 16.24 -19.43
N ASP B 105 31.22 15.04 -18.87
CA ASP B 105 31.11 13.83 -19.68
C ASP B 105 29.61 13.57 -19.76
N LYS B 106 28.94 13.75 -18.63
CA LYS B 106 27.49 13.61 -18.52
C LYS B 106 26.90 14.78 -17.75
N LEU B 107 25.89 15.42 -18.34
CA LEU B 107 25.23 16.58 -17.72
C LEU B 107 23.78 16.25 -17.37
N ILE B 108 23.43 16.43 -16.09
CA ILE B 108 22.06 16.17 -15.63
C ILE B 108 21.37 17.49 -15.25
N LEU B 109 20.34 17.83 -16.01
CA LEU B 109 19.58 19.04 -15.78
C LEU B 109 18.49 18.81 -14.75
N ALA B 110 18.62 19.48 -13.60
CA ALA B 110 17.68 19.33 -12.51
C ALA B 110 17.26 20.67 -11.89
N THR B 111 17.14 21.71 -12.72
CA THR B 111 16.72 23.01 -12.21
C THR B 111 15.25 22.81 -11.87
N GLY B 112 14.63 23.74 -11.16
CA GLY B 112 13.25 23.51 -10.77
C GLY B 112 12.13 24.34 -11.35
N ALA B 113 11.22 24.72 -10.46
CA ALA B 113 10.08 25.54 -10.83
C ALA B 113 10.29 26.92 -10.23
N SER B 114 10.50 27.90 -11.10
CA SER B 114 10.73 29.29 -10.68
C SER B 114 9.95 30.27 -11.54
N GLN B 115 10.31 30.33 -12.82
CA GLN B 115 9.68 31.21 -13.81
C GLN B 115 8.17 31.43 -13.61
N PHE B 116 7.80 32.70 -13.43
CA PHE B 116 6.40 33.07 -13.27
C PHE B 116 5.85 33.27 -14.68
N SER B 117 4.80 32.53 -15.02
CA SER B 117 4.24 32.64 -16.36
C SER B 117 2.70 32.59 -16.41
N THR B 118 2.11 33.63 -16.98
CA THR B 118 0.65 33.70 -17.11
C THR B 118 0.24 34.80 -18.10
N GLN B 119 -0.91 34.63 -18.73
CA GLN B 119 -1.39 35.59 -19.70
C GLN B 119 -2.27 36.66 -19.05
N ILE B 120 -2.30 36.67 -17.72
CA ILE B 120 -3.12 37.64 -16.99
C ILE B 120 -2.60 39.06 -17.15
N ARG B 121 -3.48 39.97 -17.59
CA ARG B 121 -3.10 41.38 -17.74
C ARG B 121 -2.89 41.99 -16.36
N GLY B 122 -1.77 42.70 -16.18
CA GLY B 122 -1.49 43.32 -14.90
C GLY B 122 -1.02 42.37 -13.82
N SER B 123 -0.65 41.14 -14.19
CA SER B 123 -0.18 40.15 -13.23
C SER B 123 1.12 40.62 -12.56
N GLN B 124 1.73 41.64 -13.14
CA GLN B 124 2.99 42.17 -12.63
C GLN B 124 2.82 42.96 -11.34
N THR B 125 1.58 43.20 -10.93
CA THR B 125 1.31 43.95 -9.70
C THR B 125 2.13 43.41 -8.53
N GLU B 126 2.61 44.34 -7.70
CA GLU B 126 3.39 43.96 -6.53
C GLU B 126 2.43 43.39 -5.49
N LYS B 127 1.14 43.65 -5.67
CA LYS B 127 0.13 43.17 -4.74
C LYS B 127 -0.29 41.73 -4.98
N LEU B 128 0.31 41.10 -5.98
CA LEU B 128 0.03 39.70 -6.30
C LEU B 128 1.28 38.90 -5.98
N LEU B 129 1.25 38.16 -4.88
CA LEU B 129 2.39 37.36 -4.45
C LEU B 129 2.51 36.01 -5.16
N LYS B 130 3.74 35.55 -5.38
CA LYS B 130 4.01 34.25 -6.00
C LYS B 130 4.47 33.30 -4.88
N TYR B 131 3.71 32.24 -4.64
CA TYR B 131 4.02 31.28 -3.58
C TYR B 131 5.31 30.48 -3.78
N LYS B 132 6.24 30.69 -2.85
CA LYS B 132 7.57 30.06 -2.79
C LYS B 132 8.70 31.01 -3.17
N PHE B 133 8.37 32.17 -3.72
CA PHE B 133 9.37 33.16 -4.10
C PHE B 133 9.84 33.92 -2.86
N ALA B 140 3.37 35.64 7.66
CA ALA B 140 3.91 36.75 8.44
C ALA B 140 4.34 37.90 7.52
N VAL B 141 3.91 37.83 6.26
CA VAL B 141 4.23 38.85 5.28
C VAL B 141 3.41 40.12 5.53
N PRO B 142 4.06 41.29 5.49
CA PRO B 142 3.35 42.55 5.72
C PRO B 142 2.10 42.77 4.86
N LEU B 143 2.21 42.49 3.56
CA LEU B 143 1.10 42.68 2.64
C LEU B 143 -0.12 41.81 2.97
N LEU B 144 0.12 40.62 3.48
CA LEU B 144 -0.97 39.71 3.82
C LEU B 144 -1.61 40.00 5.18
N GLU B 145 -0.80 40.40 6.16
CA GLU B 145 -1.32 40.71 7.49
C GLU B 145 -2.12 42.01 7.52
N ASN B 146 -1.88 42.87 6.54
CA ASN B 146 -2.59 44.13 6.43
C ASN B 146 -3.87 43.93 5.60
N SER B 147 -3.99 42.75 4.99
CA SER B 147 -5.15 42.42 4.16
C SER B 147 -6.21 41.73 4.99
N GLN B 148 -7.48 41.98 4.66
CA GLN B 148 -8.55 41.30 5.37
C GLN B 148 -9.18 40.35 4.36
N THR B 149 -9.03 40.69 3.09
CA THR B 149 -9.56 39.86 2.03
C THR B 149 -8.44 39.54 1.05
N VAL B 150 -8.08 38.26 0.97
CA VAL B 150 -7.01 37.82 0.07
C VAL B 150 -7.54 36.91 -1.03
N ALA B 151 -6.99 37.05 -2.22
CA ALA B 151 -7.39 36.22 -3.35
C ALA B 151 -6.35 35.11 -3.62
N VAL B 152 -6.82 33.93 -4.02
CA VAL B 152 -5.94 32.81 -4.34
C VAL B 152 -6.31 32.38 -5.75
N ILE B 153 -5.36 32.46 -6.67
CA ILE B 153 -5.62 32.05 -8.05
C ILE B 153 -5.08 30.63 -8.23
N GLY B 154 -5.98 29.66 -8.22
CA GLY B 154 -5.59 28.27 -8.37
C GLY B 154 -5.99 27.44 -7.17
N ALA B 155 -6.78 26.40 -7.41
CA ALA B 155 -7.23 25.52 -6.35
C ALA B 155 -6.48 24.19 -6.40
N GLY B 156 -5.26 24.23 -6.95
CA GLY B 156 -4.46 23.02 -7.01
C GLY B 156 -3.85 22.80 -5.63
N PRO B 157 -2.88 21.88 -5.48
CA PRO B 157 -2.25 21.62 -4.19
C PRO B 157 -1.59 22.85 -3.57
N ILE B 158 -0.99 23.69 -4.40
CA ILE B 158 -0.32 24.91 -3.94
C ILE B 158 -1.36 25.87 -3.37
N GLY B 159 -2.49 25.98 -4.08
CA GLY B 159 -3.57 26.85 -3.63
C GLY B 159 -4.24 26.41 -2.35
N GLU B 161 -2.89 24.98 0.06
CA GLU B 161 -2.00 25.25 1.17
C GLU B 161 -2.09 26.73 1.53
N ALA B 162 -2.22 27.57 0.50
CA ALA B 162 -2.33 29.00 0.72
C ALA B 162 -3.63 29.27 1.51
N ILE B 163 -4.72 28.62 1.08
CA ILE B 163 -6.01 28.78 1.72
C ILE B 163 -5.86 28.40 3.18
N ASP B 164 -5.19 27.27 3.42
CA ASP B 164 -4.96 26.75 4.77
C ASP B 164 -4.24 27.80 5.62
N PHE B 165 -3.19 28.37 5.04
CA PHE B 165 -2.37 29.40 5.67
C PHE B 165 -3.30 30.59 5.98
N LEU B 166 -4.01 31.07 4.95
CA LEU B 166 -4.92 32.20 5.09
C LEU B 166 -6.05 32.00 6.09
N VAL B 167 -6.65 30.81 6.11
CA VAL B 167 -7.73 30.58 7.06
C VAL B 167 -7.17 30.65 8.48
N LYS B 168 -5.93 30.20 8.65
CA LYS B 168 -5.31 30.23 9.97
C LYS B 168 -5.03 31.67 10.39
N LYS B 170 -7.07 33.91 9.72
CA LYS B 170 -8.44 34.42 9.80
C LYS B 170 -8.81 35.41 8.71
N LYS B 171 -8.21 35.27 7.54
CA LYS B 171 -8.50 36.16 6.42
C LYS B 171 -9.70 35.64 5.63
N THR B 172 -10.32 36.52 4.85
CA THR B 172 -11.44 36.11 4.01
C THR B 172 -10.74 35.73 2.70
N VAL B 173 -11.11 34.58 2.14
CA VAL B 173 -10.45 34.11 0.94
C VAL B 173 -11.34 33.92 -0.28
N HIS B 174 -10.88 34.46 -1.40
CA HIS B 174 -11.59 34.31 -2.66
C HIS B 174 -10.72 33.40 -3.51
N VAL B 175 -11.27 32.24 -3.86
CA VAL B 175 -10.56 31.26 -4.64
C VAL B 175 -11.07 31.21 -6.06
N PHE B 176 -10.14 31.34 -7.01
CA PHE B 176 -10.47 31.31 -8.44
C PHE B 176 -9.89 30.07 -9.08
N GLU B 177 -10.74 29.31 -9.77
CA GLU B 177 -10.31 28.08 -10.41
C GLU B 177 -11.07 27.85 -11.70
N SER B 178 -10.34 27.70 -12.79
CA SER B 178 -10.93 27.46 -14.11
C SER B 178 -11.67 26.13 -14.17
N LEU B 179 -11.18 25.14 -13.41
CA LEU B 179 -11.83 23.85 -13.43
C LEU B 179 -13.04 23.81 -12.48
N GLU B 180 -13.67 22.64 -12.35
CA GLU B 180 -14.90 22.48 -11.55
C GLU B 180 -14.90 22.37 -10.04
N ASN B 181 -13.77 22.05 -9.43
CA ASN B 181 -13.76 21.90 -7.97
C ASN B 181 -12.36 22.00 -7.43
N LEU B 182 -12.21 21.96 -6.11
CA LEU B 182 -10.88 22.05 -5.52
C LEU B 182 -10.06 20.81 -5.87
N LEU B 183 -8.74 20.98 -5.97
CA LEU B 183 -7.85 19.89 -6.32
C LEU B 183 -8.44 19.17 -7.54
N PRO B 184 -8.80 19.94 -8.58
CA PRO B 184 -9.39 19.45 -9.83
C PRO B 184 -8.65 18.36 -10.57
N LYS B 185 -7.32 18.37 -10.51
CA LYS B 185 -6.55 17.36 -11.20
C LYS B 185 -6.44 16.07 -10.39
N TYR B 186 -7.04 16.06 -9.20
CA TYR B 186 -6.98 14.92 -8.30
C TYR B 186 -8.30 14.33 -7.85
N PHE B 187 -9.35 15.13 -7.89
CA PHE B 187 -10.64 14.66 -7.45
C PHE B 187 -11.76 15.15 -8.33
N ASP B 188 -12.82 14.35 -8.38
CA ASP B 188 -14.00 14.72 -9.14
C ASP B 188 -14.86 15.44 -8.10
N LYS B 189 -15.78 16.26 -8.59
CA LYS B 189 -16.67 17.08 -7.73
C LYS B 189 -17.27 16.45 -6.46
N GLU B 190 -17.95 15.32 -6.59
CA GLU B 190 -18.59 14.66 -5.43
C GLU B 190 -17.64 14.28 -4.30
N VAL B 192 -15.01 15.81 -3.15
CA VAL B 192 -14.54 16.91 -2.30
C VAL B 192 -15.63 17.89 -1.90
N ALA B 193 -16.86 17.59 -2.30
CA ALA B 193 -17.99 18.46 -1.98
C ALA B 193 -18.06 18.80 -0.49
N GLU B 194 -17.83 17.81 0.38
CA GLU B 194 -17.89 18.08 1.83
C GLU B 194 -16.70 18.90 2.32
N VAL B 195 -15.56 18.78 1.65
CA VAL B 195 -14.38 19.53 2.04
C VAL B 195 -14.59 20.99 1.65
N GLN B 196 -15.27 21.22 0.53
CA GLN B 196 -15.57 22.56 0.07
C GLN B 196 -16.47 23.26 1.09
N LYS B 197 -17.56 22.59 1.50
CA LYS B 197 -18.49 23.16 2.46
C LYS B 197 -17.76 23.41 3.78
N SER B 198 -16.85 22.51 4.10
CA SER B 198 -16.06 22.61 5.32
C SER B 198 -15.28 23.94 5.33
N LEU B 199 -14.72 24.30 4.19
CA LEU B 199 -13.96 25.54 4.08
C LEU B 199 -14.85 26.78 3.92
N GLU B 200 -16.03 26.62 3.32
CA GLU B 200 -16.94 27.75 3.14
C GLU B 200 -17.48 28.27 4.48
N LYS B 201 -17.36 27.48 5.54
CA LYS B 201 -17.81 27.89 6.86
C LYS B 201 -16.68 28.67 7.51
N GLN B 202 -15.54 28.72 6.84
CA GLN B 202 -14.40 29.44 7.39
C GLN B 202 -14.04 30.67 6.57
N ALA B 203 -15.05 31.25 5.92
CA ALA B 203 -14.88 32.46 5.12
C ALA B 203 -14.13 32.27 3.81
N VAL B 204 -14.22 31.09 3.23
CA VAL B 204 -13.57 30.83 1.97
C VAL B 204 -14.69 30.86 0.94
N ILE B 205 -14.53 31.69 -0.07
CA ILE B 205 -15.52 31.85 -1.12
C ILE B 205 -14.93 31.36 -2.42
N PHE B 206 -15.53 30.33 -2.98
CA PHE B 206 -15.02 29.71 -4.21
C PHE B 206 -15.66 30.20 -5.51
N HIS B 207 -14.82 30.37 -6.52
CA HIS B 207 -15.29 30.78 -7.83
C HIS B 207 -14.78 29.81 -8.87
N PHE B 208 -15.49 28.69 -9.03
CA PHE B 208 -15.10 27.66 -9.99
C PHE B 208 -15.59 27.98 -11.39
N GLU B 209 -14.97 27.33 -12.37
CA GLU B 209 -15.30 27.56 -13.76
C GLU B 209 -15.34 29.07 -13.98
N GLU B 210 -14.24 29.70 -13.56
CA GLU B 210 -14.06 31.14 -13.67
C GLU B 210 -12.57 31.36 -13.79
N THR B 211 -12.16 32.01 -14.86
CA THR B 211 -10.75 32.28 -15.09
C THR B 211 -10.48 33.76 -14.90
N VAL B 212 -9.37 34.09 -14.25
CA VAL B 212 -9.00 35.49 -14.03
C VAL B 212 -8.41 36.01 -15.33
N LEU B 213 -9.08 37.01 -15.92
CA LEU B 213 -8.66 37.61 -17.19
C LEU B 213 -7.70 38.78 -17.02
N GLY B 214 -7.86 39.52 -15.94
CA GLY B 214 -7.00 40.67 -15.69
C GLY B 214 -7.07 41.14 -14.26
N ILE B 215 -6.01 41.86 -13.84
CA ILE B 215 -5.91 42.40 -12.49
C ILE B 215 -5.60 43.90 -12.49
N GLU B 216 -6.55 44.69 -11.98
CA GLU B 216 -6.39 46.13 -11.90
C GLU B 216 -5.84 46.45 -10.52
N GLU B 217 -4.78 47.25 -10.47
CA GLU B 217 -4.18 47.62 -9.20
C GLU B 217 -4.66 49.00 -8.73
N THR B 218 -5.12 49.07 -7.49
CA THR B 218 -5.56 50.34 -6.91
C THR B 218 -4.50 50.73 -5.87
N ALA B 219 -4.64 51.91 -5.28
CA ALA B 219 -3.66 52.35 -4.28
C ALA B 219 -3.63 51.42 -3.08
N ASN B 220 -4.77 50.85 -2.73
CA ASN B 220 -4.86 49.98 -1.56
C ASN B 220 -5.43 48.57 -1.81
N GLY B 221 -5.33 48.09 -3.04
CA GLY B 221 -5.85 46.76 -3.31
C GLY B 221 -5.82 46.38 -4.77
N ILE B 222 -6.60 45.36 -5.12
CA ILE B 222 -6.67 44.89 -6.50
C ILE B 222 -8.10 44.49 -6.84
N VAL B 223 -8.40 44.52 -8.13
CA VAL B 223 -9.72 44.13 -8.60
C VAL B 223 -9.45 43.07 -9.66
N LEU B 224 -10.01 41.88 -9.47
CA LEU B 224 -9.79 40.82 -10.44
C LEU B 224 -10.92 40.73 -11.43
N GLU B 225 -10.57 40.92 -12.71
CA GLU B 225 -11.55 40.84 -13.80
C GLU B 225 -11.64 39.36 -14.16
N THR B 226 -12.82 38.80 -13.99
CA THR B 226 -12.99 37.40 -14.27
C THR B 226 -13.91 37.23 -15.47
N SER B 227 -14.02 36.00 -15.95
CA SER B 227 -14.88 35.70 -17.09
C SER B 227 -16.34 35.92 -16.72
N GLU B 228 -16.60 36.11 -15.43
CA GLU B 228 -17.96 36.28 -14.93
C GLU B 228 -18.25 37.58 -14.16
N GLN B 229 -17.21 38.19 -13.57
CA GLN B 229 -17.44 39.36 -12.74
C GLN B 229 -16.16 40.12 -12.37
N GLU B 230 -16.31 40.99 -11.38
CA GLU B 230 -15.20 41.79 -10.83
C GLU B 230 -15.22 41.53 -9.34
N ILE B 231 -14.06 41.18 -8.79
CA ILE B 231 -13.96 40.91 -7.36
C ILE B 231 -12.85 41.76 -6.78
N SER B 232 -13.12 42.35 -5.63
CA SER B 232 -12.14 43.19 -4.96
C SER B 232 -11.44 42.39 -3.87
N CYS B 233 -10.15 42.62 -3.72
CA CYS B 233 -9.34 41.96 -2.70
C CYS B 233 -8.20 42.91 -2.35
N ASP B 234 -7.67 42.78 -1.15
CA ASP B 234 -6.59 43.65 -0.73
C ASP B 234 -5.29 43.17 -1.31
N SER B 235 -5.22 41.88 -1.60
CA SER B 235 -4.02 41.29 -2.17
C SER B 235 -4.39 39.94 -2.77
N GLY B 236 -3.41 39.31 -3.42
CA GLY B 236 -3.67 38.02 -4.01
C GLY B 236 -2.45 37.14 -4.02
N ILE B 237 -2.69 35.83 -4.10
CA ILE B 237 -1.63 34.84 -4.14
C ILE B 237 -1.79 34.04 -5.43
N PHE B 238 -0.71 33.94 -6.19
CA PHE B 238 -0.74 33.18 -7.44
C PHE B 238 -0.35 31.76 -7.06
N ALA B 239 -1.30 30.83 -7.17
CA ALA B 239 -1.04 29.43 -6.80
C ALA B 239 -1.06 28.49 -8.00
N LEU B 240 -0.57 28.96 -9.14
CA LEU B 240 -0.53 28.08 -10.31
C LEU B 240 0.90 27.58 -10.43
N ASN B 241 1.07 26.46 -11.13
CA ASN B 241 2.40 25.89 -11.29
C ASN B 241 3.34 26.80 -12.04
N LEU B 242 4.52 27.01 -11.44
CA LEU B 242 5.54 27.83 -12.07
C LEU B 242 6.29 26.91 -13.03
N HIS B 243 7.02 27.49 -13.97
CA HIS B 243 7.76 26.68 -14.91
C HIS B 243 9.26 26.76 -14.75
N PRO B 244 9.99 25.75 -15.27
CA PRO B 244 11.45 25.75 -15.16
C PRO B 244 12.16 26.93 -15.83
N GLN B 245 13.13 27.49 -15.12
CA GLN B 245 13.93 28.62 -15.61
C GLN B 245 15.02 28.03 -16.51
N LEU B 246 14.73 27.88 -17.80
CA LEU B 246 15.71 27.29 -18.70
C LEU B 246 16.30 28.26 -19.73
N ALA B 247 16.77 29.40 -19.25
CA ALA B 247 17.36 30.40 -20.13
C ALA B 247 18.73 29.92 -20.63
N TYR B 248 19.48 29.27 -19.75
CA TYR B 248 20.82 28.77 -20.09
C TYR B 248 20.80 27.62 -21.08
N LEU B 249 19.63 27.05 -21.33
CA LEU B 249 19.51 25.90 -22.22
C LEU B 249 19.98 26.08 -23.66
N ASP B 250 20.84 25.19 -24.11
CA ASP B 250 21.35 25.22 -25.48
C ASP B 250 20.11 24.99 -26.35
N LYS B 251 19.82 25.93 -27.23
CA LYS B 251 18.65 25.85 -28.11
C LYS B 251 18.60 24.55 -28.92
N LYS B 252 19.67 23.76 -28.84
CA LYS B 252 19.75 22.49 -29.56
C LYS B 252 18.92 21.38 -28.88
N ILE B 253 18.64 21.56 -27.60
CA ILE B 253 17.88 20.59 -26.83
C ILE B 253 16.39 20.72 -27.09
N GLN B 254 15.77 19.64 -27.56
CA GLN B 254 14.34 19.64 -27.86
C GLN B 254 13.50 19.91 -26.62
N ARG B 255 12.39 20.61 -26.81
CA ARG B 255 11.51 20.97 -25.70
C ARG B 255 10.05 20.80 -26.05
N ASN B 256 9.24 20.66 -25.02
CA ASN B 256 7.79 20.50 -25.19
C ASN B 256 7.18 21.90 -25.27
N LEU B 257 5.90 21.94 -25.64
CA LEU B 257 5.19 23.21 -25.74
C LEU B 257 5.16 24.01 -24.45
N ASP B 258 5.00 23.33 -23.32
CA ASP B 258 4.94 24.00 -22.02
C ASP B 258 6.34 24.42 -21.55
N GLN B 259 7.32 24.30 -22.45
CA GLN B 259 8.70 24.66 -22.17
C GLN B 259 9.53 23.64 -21.39
N THR B 260 8.93 22.51 -21.00
CA THR B 260 9.72 21.51 -20.28
C THR B 260 10.66 20.86 -21.30
N ILE B 261 11.69 20.20 -20.79
CA ILE B 261 12.66 19.54 -21.65
C ILE B 261 12.14 18.16 -22.01
N ALA B 262 12.22 17.79 -23.29
CA ALA B 262 11.75 16.49 -23.74
C ALA B 262 12.82 15.43 -23.51
N VAL B 263 12.39 14.26 -23.06
CA VAL B 263 13.31 13.15 -22.79
C VAL B 263 12.70 11.82 -23.22
N ASP B 264 13.54 10.84 -23.50
CA ASP B 264 13.04 9.52 -23.87
C ASP B 264 12.74 8.77 -22.57
N ALA B 265 12.44 7.48 -22.66
CA ALA B 265 12.12 6.70 -21.48
C ALA B 265 13.28 6.58 -20.48
N TYR B 266 14.49 6.85 -20.93
CA TYR B 266 15.65 6.74 -20.05
C TYR B 266 16.10 8.07 -19.47
N LEU B 267 15.29 9.09 -19.70
CA LEU B 267 15.54 10.43 -19.17
C LEU B 267 16.67 11.22 -19.83
N GLN B 268 17.01 10.86 -21.08
CA GLN B 268 18.05 11.59 -21.80
C GLN B 268 17.36 12.62 -22.69
N THR B 269 17.99 13.78 -22.87
CA THR B 269 17.43 14.83 -23.73
C THR B 269 17.67 14.40 -25.19
N SER B 270 17.34 15.29 -26.13
CA SER B 270 17.54 14.97 -27.54
C SER B 270 18.98 15.09 -28.03
N VAL B 271 19.90 15.42 -27.13
CA VAL B 271 21.31 15.55 -27.51
C VAL B 271 22.22 14.63 -26.69
N PRO B 272 23.38 14.29 -27.25
CA PRO B 272 24.34 13.39 -26.57
C PRO B 272 24.79 13.85 -25.19
N ASN B 273 24.80 12.91 -24.25
CA ASN B 273 25.27 13.14 -22.89
C ASN B 273 24.56 14.16 -21.98
N VAL B 274 23.36 14.56 -22.34
CA VAL B 274 22.62 15.50 -21.52
C VAL B 274 21.32 14.84 -21.08
N PHE B 275 21.06 14.85 -19.78
CA PHE B 275 19.86 14.25 -19.23
C PHE B 275 19.06 15.27 -18.42
N ALA B 276 17.75 15.09 -18.35
CA ALA B 276 16.90 16.00 -17.60
C ALA B 276 15.94 15.23 -16.68
N ILE B 277 15.77 15.74 -15.47
CA ILE B 277 14.92 15.12 -14.46
C ILE B 277 14.15 16.15 -13.64
N GLY B 278 13.26 15.66 -12.78
CA GLY B 278 12.47 16.52 -11.91
C GLY B 278 11.57 17.50 -12.64
N ASP B 279 11.52 18.72 -12.11
CA ASP B 279 10.70 19.78 -12.65
C ASP B 279 11.04 20.33 -14.04
N CYS B 280 12.20 19.97 -14.60
CA CYS B 280 12.57 20.44 -15.96
C CYS B 280 11.83 19.61 -16.97
N ILE B 281 11.47 18.43 -16.51
CA ILE B 281 10.85 17.37 -17.28
C ILE B 281 9.34 17.23 -17.22
N SER B 282 8.80 16.54 -18.21
CA SER B 282 7.38 16.20 -18.25
C SER B 282 7.38 14.67 -18.10
N VAL B 283 6.43 14.16 -17.35
CA VAL B 283 6.37 12.73 -17.11
C VAL B 283 5.23 12.08 -17.89
N ASN B 285 2.11 8.84 -18.31
CA ASN B 285 1.18 7.84 -17.81
C ASN B 285 1.09 6.99 -19.09
N GLU B 286 1.98 6.01 -19.22
CA GLU B 286 2.04 5.16 -20.43
C GLU B 286 0.76 4.48 -20.89
N PRO B 287 0.02 3.81 -19.98
CA PRO B 287 -1.23 3.15 -20.36
C PRO B 287 -2.19 3.99 -21.22
N VAL B 288 -2.30 5.28 -20.95
CA VAL B 288 -3.17 6.14 -21.74
C VAL B 288 -2.37 7.06 -22.67
N ALA B 289 -1.07 6.82 -22.74
CA ALA B 289 -0.18 7.62 -23.58
C ALA B 289 -0.31 9.13 -23.31
N GLU B 290 -0.47 9.48 -22.04
CA GLU B 290 -0.59 10.87 -21.62
C GLU B 290 0.75 11.45 -21.16
N THR B 291 1.13 12.59 -21.74
CA THR B 291 2.37 13.27 -21.36
C THR B 291 1.94 14.52 -20.60
N PHE B 292 2.40 14.66 -19.37
CA PHE B 292 1.99 15.82 -18.57
C PHE B 292 3.07 16.35 -17.64
N TYR B 293 2.85 17.58 -17.17
CA TYR B 293 3.77 18.23 -16.27
C TYR B 293 3.21 18.08 -14.88
N ALA B 294 3.95 17.37 -14.04
CA ALA B 294 3.56 17.13 -12.66
C ALA B 294 4.78 17.31 -11.76
N PRO B 295 5.12 18.57 -11.46
CA PRO B 295 6.28 18.86 -10.60
C PRO B 295 6.00 18.48 -9.14
N LEU B 296 6.31 17.23 -8.81
CA LEU B 296 6.10 16.72 -7.47
C LEU B 296 7.40 16.15 -6.93
N VAL B 297 7.55 16.15 -5.62
CA VAL B 297 8.76 15.62 -5.01
C VAL B 297 8.97 14.14 -5.35
N ASN B 298 7.89 13.37 -5.46
CA ASN B 298 8.07 11.97 -5.76
C ASN B 298 8.58 11.79 -7.19
N ASN B 299 8.16 12.66 -8.11
CA ASN B 299 8.64 12.57 -9.49
C ASN B 299 10.11 13.01 -9.53
N ALA B 300 10.45 14.02 -8.72
CA ALA B 300 11.81 14.51 -8.65
C ALA B 300 12.75 13.45 -8.15
N VAL B 301 12.40 12.83 -7.01
CA VAL B 301 13.25 11.80 -6.42
C VAL B 301 13.40 10.56 -7.27
N ARG B 302 12.31 10.09 -7.86
CA ARG B 302 12.40 8.88 -8.66
C ARG B 302 13.20 9.09 -9.93
N THR B 303 12.92 10.15 -10.69
CA THR B 303 13.68 10.38 -11.91
C THR B 303 15.18 10.59 -11.58
N GLY B 304 15.47 11.17 -10.42
CA GLY B 304 16.85 11.39 -10.01
C GLY B 304 17.60 10.09 -9.73
N LEU B 305 16.92 9.12 -9.12
CA LEU B 305 17.55 7.83 -8.82
C LEU B 305 17.65 6.95 -10.06
N VAL B 306 16.69 7.09 -10.97
CA VAL B 306 16.71 6.27 -12.19
C VAL B 306 17.70 6.77 -13.24
N VAL B 307 17.79 8.09 -13.44
CA VAL B 307 18.71 8.63 -14.44
C VAL B 307 20.16 8.20 -14.21
N ALA B 308 20.55 8.06 -12.95
CA ALA B 308 21.90 7.66 -12.59
C ALA B 308 22.31 6.30 -13.15
N ASN B 309 21.32 5.51 -13.56
CA ASN B 309 21.61 4.19 -14.11
C ASN B 309 21.56 4.16 -15.63
N ASN B 310 21.32 5.31 -16.26
CA ASN B 310 21.24 5.38 -17.72
C ASN B 310 22.18 6.39 -18.34
N LEU B 311 23.24 6.76 -17.63
CA LEU B 311 24.19 7.74 -18.14
C LEU B 311 25.01 7.20 -19.31
N GLU B 312 25.22 5.89 -19.33
CA GLU B 312 25.96 5.25 -20.42
C GLU B 312 25.05 4.36 -21.24
N GLU B 313 24.70 3.21 -20.69
CA GLU B 313 23.81 2.29 -21.38
C GLU B 313 22.40 2.50 -20.86
N LYS B 314 21.42 2.41 -21.76
CA LYS B 314 20.01 2.56 -21.38
C LYS B 314 19.61 1.23 -20.74
N THR B 315 19.70 1.16 -19.41
CA THR B 315 19.40 -0.06 -18.66
C THR B 315 18.03 -0.15 -17.98
N HIS B 316 17.52 0.97 -17.48
CA HIS B 316 16.23 0.93 -16.78
C HIS B 316 15.28 2.05 -17.18
N ARG B 317 14.18 1.68 -17.84
CA ARG B 317 13.17 2.65 -18.26
C ARG B 317 12.46 3.25 -17.05
N PHE B 318 12.28 4.56 -17.08
CA PHE B 318 11.57 5.23 -16.00
C PHE B 318 10.10 4.85 -16.19
N ILE B 319 9.49 4.35 -15.13
CA ILE B 319 8.10 3.91 -15.16
C ILE B 319 7.11 5.01 -15.48
N GLY B 320 7.42 6.24 -15.07
CA GLY B 320 6.51 7.34 -15.32
C GLY B 320 5.85 7.83 -14.05
N SER B 321 4.73 8.54 -14.18
CA SER B 321 4.05 9.07 -13.02
C SER B 321 2.53 8.97 -13.13
N LEU B 322 1.88 8.87 -11.98
CA LEU B 322 0.43 8.79 -11.93
C LEU B 322 -0.10 9.99 -11.17
N ARG B 323 0.78 10.94 -10.91
CA ARG B 323 0.42 12.15 -10.19
C ARG B 323 -0.19 11.71 -8.85
N THR B 324 0.52 10.82 -8.16
CA THR B 324 0.06 10.30 -6.89
C THR B 324 0.17 11.35 -5.80
N GLY B 326 -1.18 12.79 -1.62
CA GLY B 326 -1.83 12.60 -0.33
C GLY B 326 -1.68 13.83 0.55
N THR B 327 -2.78 14.30 1.11
CA THR B 327 -2.72 15.48 1.94
C THR B 327 -3.85 15.51 2.95
N LYS B 328 -3.87 16.55 3.76
CA LYS B 328 -4.91 16.71 4.76
C LYS B 328 -5.46 18.14 4.67
N VAL B 329 -6.77 18.26 4.54
CA VAL B 329 -7.43 19.55 4.48
C VAL B 329 -8.43 19.57 5.62
N GLY B 330 -8.16 20.35 6.65
CA GLY B 330 -9.06 20.40 7.79
C GLY B 330 -8.98 19.05 8.48
N ASP B 331 -10.13 18.44 8.74
CA ASP B 331 -10.17 17.14 9.41
C ASP B 331 -10.14 16.02 8.37
N TYR B 332 -10.11 16.40 7.09
CA TYR B 332 -10.11 15.44 5.99
C TYR B 332 -8.76 15.01 5.41
N TYR B 333 -8.61 13.70 5.22
CA TYR B 333 -7.42 13.12 4.62
C TYR B 333 -7.87 12.83 3.20
N LEU B 334 -7.11 13.33 2.22
CA LEU B 334 -7.45 13.13 0.82
C LEU B 334 -6.25 12.52 0.12
N ALA B 335 -6.50 11.59 -0.79
CA ALA B 335 -5.42 10.95 -1.53
C ALA B 335 -5.96 10.67 -2.92
N SER B 336 -5.06 10.66 -3.90
CA SER B 336 -5.44 10.45 -5.28
C SER B 336 -4.28 9.88 -6.09
N THR B 337 -4.61 9.20 -7.18
CA THR B 337 -3.60 8.64 -8.05
C THR B 337 -4.28 8.26 -9.36
N GLY B 338 -3.60 8.49 -10.48
CA GLY B 338 -4.18 8.18 -11.76
C GLY B 338 -5.18 9.20 -12.29
N LEU B 339 -6.05 8.74 -13.20
CA LEU B 339 -7.08 9.58 -13.83
C LEU B 339 -8.36 9.73 -13.03
N THR B 340 -8.91 10.95 -13.00
CA THR B 340 -10.18 11.16 -12.32
C THR B 340 -11.22 10.91 -13.41
N GLU B 341 -12.48 10.76 -13.03
CA GLU B 341 -13.47 10.53 -14.05
C GLU B 341 -13.51 11.71 -15.04
N THR B 342 -13.40 12.93 -14.51
CA THR B 342 -13.40 14.14 -15.33
C THR B 342 -12.21 14.19 -16.28
N GLU B 343 -11.05 13.78 -15.79
CA GLU B 343 -9.84 13.74 -16.62
C GLU B 343 -10.04 12.72 -17.72
N GLY B 344 -10.74 11.64 -17.41
CA GLY B 344 -10.95 10.59 -18.38
C GLY B 344 -11.77 10.98 -19.58
N LEU B 345 -12.63 11.98 -19.41
CA LEU B 345 -13.48 12.45 -20.50
C LEU B 345 -12.64 12.99 -21.65
N PHE B 346 -11.40 13.34 -21.34
CA PHE B 346 -10.46 13.87 -22.31
C PHE B 346 -9.88 12.77 -23.18
N PHE B 347 -10.04 11.52 -22.74
CA PHE B 347 -9.51 10.38 -23.49
C PHE B 347 -10.57 9.64 -24.28
N PRO B 348 -10.21 9.17 -25.49
CA PRO B 348 -11.15 8.43 -26.35
C PRO B 348 -11.75 7.22 -25.64
N GLN B 349 -10.89 6.46 -24.96
CA GLN B 349 -11.30 5.27 -24.22
C GLN B 349 -12.39 5.59 -23.20
N THR B 350 -13.40 4.75 -23.16
CA THR B 350 -14.51 4.95 -22.25
C THR B 350 -14.18 4.46 -20.83
N LEU B 351 -14.31 5.37 -19.86
CA LEU B 351 -14.02 5.03 -18.47
C LEU B 351 -15.30 5.05 -17.65
N ALA B 352 -15.32 4.26 -16.59
CA ALA B 352 -16.46 4.20 -15.69
C ALA B 352 -15.95 4.33 -14.27
N SER B 353 -16.85 4.42 -13.31
CA SER B 353 -16.39 4.57 -11.95
C SER B 353 -17.43 4.08 -10.97
N ILE B 354 -17.01 3.88 -9.74
CA ILE B 354 -17.93 3.46 -8.72
C ILE B 354 -17.42 4.03 -7.41
N ILE B 355 -18.34 4.40 -6.52
CA ILE B 355 -17.98 4.96 -5.24
C ILE B 355 -18.22 3.88 -4.19
N VAL B 356 -17.33 3.77 -3.23
CA VAL B 356 -17.48 2.79 -2.17
C VAL B 356 -17.37 3.48 -0.81
N ARG B 357 -18.36 3.24 0.04
CA ARG B 357 -18.36 3.81 1.39
C ARG B 357 -18.19 2.66 2.36
N GLN B 358 -17.04 2.57 3.01
CA GLN B 358 -16.85 1.50 3.99
C GLN B 358 -16.49 2.11 5.34
N PRO B 359 -17.28 1.78 6.38
CA PRO B 359 -16.93 2.35 7.70
C PRO B 359 -15.55 1.85 8.11
N ALA B 360 -14.69 2.75 8.57
CA ALA B 360 -13.34 2.38 8.97
C ALA B 360 -13.31 1.33 10.06
N PRO B 361 -12.20 0.58 10.18
CA PRO B 361 -12.10 -0.44 11.21
C PRO B 361 -11.98 0.21 12.58
N PRO B 362 -12.24 -0.55 13.64
CA PRO B 362 -12.67 -1.95 13.73
C PRO B 362 -14.08 -2.26 13.23
N HIS B 365 -17.35 0.16 12.37
CA HIS B 365 -18.02 1.11 13.25
C HIS B 365 -17.38 2.50 13.20
N GLY B 366 -16.19 2.58 12.61
CA GLY B 366 -15.48 3.85 12.53
C GLY B 366 -16.05 4.84 11.53
N THR B 367 -15.35 5.97 11.37
CA THR B 367 -15.77 7.00 10.45
C THR B 367 -15.72 6.49 9.01
N GLU B 368 -16.52 7.11 8.15
CA GLU B 368 -16.59 6.72 6.75
C GLU B 368 -15.30 6.92 5.97
N ILE B 369 -15.00 5.95 5.12
CA ILE B 369 -13.85 6.00 4.24
C ILE B 369 -14.55 6.00 2.89
N LEU B 370 -14.30 7.05 2.13
CA LEU B 370 -14.96 7.20 0.84
C LEU B 370 -13.95 7.04 -0.28
N GLY B 371 -14.15 6.04 -1.13
CA GLY B 371 -13.23 5.83 -2.22
C GLY B 371 -13.90 5.69 -3.57
N LYS B 372 -13.27 6.26 -4.60
CA LYS B 372 -13.80 6.20 -5.94
C LYS B 372 -12.75 5.50 -6.77
N LEU B 373 -13.20 4.66 -7.70
CA LEU B 373 -12.29 3.93 -8.56
C LEU B 373 -12.64 4.20 -10.01
N ILE B 374 -11.64 4.59 -10.81
CA ILE B 374 -11.84 4.85 -12.24
C ILE B 374 -11.17 3.70 -13.01
N TYR B 375 -11.90 3.12 -13.95
CA TYR B 375 -11.37 2.00 -14.72
C TYR B 375 -11.87 2.00 -16.16
N ASP B 376 -11.11 1.36 -17.05
CA ASP B 376 -11.49 1.25 -18.45
C ASP B 376 -12.67 0.30 -18.50
N LYS B 377 -13.79 0.75 -19.05
CA LYS B 377 -14.99 -0.07 -19.12
C LYS B 377 -14.86 -1.35 -19.95
N VAL B 378 -14.02 -1.32 -20.97
CA VAL B 378 -13.84 -2.47 -21.83
C VAL B 378 -12.83 -3.48 -21.30
N THR B 379 -11.60 -3.02 -21.06
CA THR B 379 -10.53 -3.89 -20.57
C THR B 379 -10.55 -4.15 -19.07
N GLN B 380 -11.28 -3.31 -18.33
CA GLN B 380 -11.39 -3.43 -16.88
C GLN B 380 -10.07 -3.17 -16.14
N ARG B 381 -9.21 -2.42 -16.79
CA ARG B 381 -7.92 -2.02 -16.23
C ARG B 381 -8.19 -0.87 -15.26
N VAL B 382 -7.61 -0.95 -14.07
CA VAL B 382 -7.78 0.11 -13.07
C VAL B 382 -6.93 1.28 -13.55
N LEU B 383 -7.48 2.49 -13.52
CA LEU B 383 -6.73 3.65 -14.00
C LEU B 383 -6.64 4.84 -13.04
N GLY B 384 -7.44 4.84 -12.00
CA GLY B 384 -7.40 5.94 -11.05
C GLY B 384 -8.15 5.64 -9.78
N ALA B 385 -7.78 6.33 -8.71
CA ALA B 385 -8.44 6.15 -7.43
C ALA B 385 -8.43 7.44 -6.63
N GLN B 386 -9.45 7.63 -5.80
CA GLN B 386 -9.57 8.80 -4.95
C GLN B 386 -10.02 8.34 -3.57
N LEU B 387 -9.50 8.97 -2.53
CA LEU B 387 -9.89 8.61 -1.17
C LEU B 387 -10.12 9.89 -0.35
N CYS B 388 -11.14 9.84 0.50
CA CYS B 388 -11.49 10.93 1.39
C CYS B 388 -12.02 10.32 2.67
N SER B 389 -11.54 10.79 3.81
CA SER B 389 -11.97 10.25 5.09
C SER B 389 -11.43 11.08 6.21
N LYS B 390 -11.99 10.92 7.40
CA LYS B 390 -11.49 11.65 8.56
C LYS B 390 -10.49 10.73 9.22
N ASN B 391 -10.37 9.54 8.64
CA ASN B 391 -9.43 8.53 9.12
C ASN B 391 -8.20 8.58 8.21
N ASN B 392 -7.01 8.48 8.80
CA ASN B 392 -5.80 8.54 7.99
C ASN B 392 -5.53 7.21 7.31
N CYS B 393 -6.01 7.12 6.08
CA CYS B 393 -5.87 5.91 5.29
C CYS B 393 -5.06 6.20 4.02
N LEU B 394 -4.36 7.34 4.00
CA LEU B 394 -3.58 7.75 2.85
C LEU B 394 -2.63 6.68 2.26
N GLU B 395 -2.01 5.88 3.14
CA GLU B 395 -1.09 4.86 2.66
C GLU B 395 -1.77 3.95 1.63
N LYS B 396 -3.08 3.77 1.75
CA LYS B 396 -3.82 2.93 0.81
C LYS B 396 -3.73 3.46 -0.61
N ILE B 397 -3.39 4.74 -0.77
CA ILE B 397 -3.29 5.30 -2.11
C ILE B 397 -1.99 4.79 -2.76
N ASN B 398 -0.95 4.54 -1.96
CA ASN B 398 0.29 4.04 -2.55
C ASN B 398 0.04 2.64 -3.12
N THR B 399 -0.79 1.87 -2.41
CA THR B 399 -1.14 0.52 -2.84
C THR B 399 -2.00 0.62 -4.10
N LEU B 400 -3.01 1.48 -4.10
CA LEU B 400 -3.82 1.63 -5.30
C LEU B 400 -2.99 2.10 -6.49
N ALA B 401 -1.99 2.94 -6.23
CA ALA B 401 -1.12 3.45 -7.28
C ALA B 401 -0.32 2.32 -7.89
N LEU B 402 0.14 1.40 -7.03
CA LEU B 402 0.92 0.25 -7.48
C LEU B 402 0.04 -0.66 -8.32
N SER B 403 -1.24 -0.74 -7.97
CA SER B 403 -2.16 -1.56 -8.72
C SER B 403 -2.30 -1.02 -10.16
N ILE B 404 -2.53 0.28 -10.28
CA ILE B 404 -2.65 0.91 -11.59
C ILE B 404 -1.35 0.79 -12.38
N GLN B 405 -0.26 1.28 -11.79
CA GLN B 405 1.04 1.29 -12.44
C GLN B 405 1.55 -0.10 -12.84
N THR B 406 0.94 -1.12 -12.26
CA THR B 406 1.36 -2.48 -12.53
C THR B 406 0.44 -3.15 -13.56
N GLY B 407 -0.60 -2.41 -13.97
CA GLY B 407 -1.52 -2.93 -14.97
C GLY B 407 -2.58 -3.89 -14.48
N GLN B 408 -3.05 -3.74 -13.24
CA GLN B 408 -4.06 -4.65 -12.74
C GLN B 408 -5.46 -4.45 -13.31
N THR B 409 -6.22 -5.54 -13.35
CA THR B 409 -7.60 -5.53 -13.83
C THR B 409 -8.47 -5.43 -12.57
N LEU B 410 -9.77 -5.21 -12.74
CA LEU B 410 -10.66 -5.14 -11.60
C LEU B 410 -10.58 -6.47 -10.85
N THR B 411 -10.48 -7.55 -11.62
CA THR B 411 -10.37 -8.88 -11.08
C THR B 411 -9.08 -9.06 -10.28
N ASP B 412 -7.98 -8.51 -10.76
CA ASP B 412 -6.72 -8.65 -10.03
C ASP B 412 -6.81 -7.90 -8.70
N LEU B 413 -7.34 -6.69 -8.74
CA LEU B 413 -7.46 -5.88 -7.54
C LEU B 413 -8.36 -6.53 -6.50
N LEU B 414 -9.45 -7.13 -6.98
CA LEU B 414 -10.43 -7.80 -6.15
C LEU B 414 -9.79 -8.90 -5.26
N GLN B 415 -8.82 -9.62 -5.82
CA GLN B 415 -8.17 -10.71 -5.08
C GLN B 415 -6.71 -10.52 -4.67
N LYS B 416 -6.20 -9.30 -4.67
CA LYS B 416 -4.81 -9.15 -4.25
C LYS B 416 -4.69 -9.48 -2.75
N ASP B 417 -3.50 -9.89 -2.33
CA ASP B 417 -3.24 -10.19 -0.92
C ASP B 417 -3.46 -8.92 -0.09
N TYR B 418 -3.88 -9.10 1.16
CA TYR B 418 -4.06 -8.01 2.10
C TYR B 418 -4.06 -8.65 3.49
N PHE B 419 -3.72 -7.88 4.52
CA PHE B 419 -3.70 -8.45 5.85
C PHE B 419 -4.95 -8.13 6.64
N TYR B 420 -5.34 -9.08 7.49
CA TYR B 420 -6.51 -8.93 8.33
C TYR B 420 -6.10 -9.15 9.78
N GLN B 421 -6.72 -8.37 10.65
CA GLN B 421 -6.47 -8.44 12.08
C GLN B 421 -7.63 -7.63 12.68
N PRO B 422 -8.51 -8.31 13.45
CA PRO B 422 -9.69 -7.73 14.10
C PRO B 422 -9.59 -6.32 14.70
N SER B 423 -8.46 -6.01 15.35
CA SER B 423 -8.26 -4.69 15.96
C SER B 423 -7.71 -3.61 15.04
N LEU B 424 -7.34 -3.96 13.81
CA LEU B 424 -6.76 -2.98 12.92
C LEU B 424 -7.36 -2.87 11.53
N THR B 425 -8.05 -3.90 11.06
CA THR B 425 -8.60 -3.83 9.72
C THR B 425 -10.03 -4.33 9.66
N ASN B 426 -10.65 -4.19 8.50
CA ASN B 426 -11.99 -4.70 8.29
C ASN B 426 -11.77 -6.09 7.69
N ILE B 427 -12.83 -6.87 7.53
CA ILE B 427 -12.67 -8.20 6.99
C ILE B 427 -12.15 -8.20 5.55
N TYR B 428 -12.69 -7.33 4.72
CA TYR B 428 -12.26 -7.25 3.34
C TYR B 428 -11.75 -5.83 3.10
N ASP B 429 -10.47 -5.69 2.77
CA ASP B 429 -9.85 -4.39 2.53
C ASP B 429 -10.59 -3.54 1.51
N ILE B 430 -10.81 -2.25 1.83
CA ILE B 430 -11.51 -1.34 0.94
C ILE B 430 -10.84 -1.22 -0.43
N THR B 431 -9.52 -1.37 -0.50
CA THR B 431 -8.85 -1.28 -1.80
C THR B 431 -9.34 -2.43 -2.68
N ASN B 432 -9.31 -3.64 -2.15
CA ASN B 432 -9.81 -4.80 -2.88
C ASN B 432 -11.30 -4.62 -3.18
N LEU B 433 -12.05 -4.10 -2.22
CA LEU B 433 -13.49 -3.92 -2.36
C LEU B 433 -13.88 -2.99 -3.51
N GLY B 435 -12.31 -2.59 -6.23
CA GLY B 435 -12.17 -3.30 -7.48
C GLY B 435 -13.31 -4.30 -7.65
N ALA B 436 -13.63 -5.05 -6.60
CA ALA B 436 -14.70 -6.03 -6.66
C ALA B 436 -16.04 -5.37 -6.98
N SER B 437 -16.33 -4.27 -6.30
CA SER B 437 -17.58 -3.54 -6.51
C SER B 437 -17.75 -3.18 -7.99
N ALA B 438 -16.69 -2.70 -8.62
CA ALA B 438 -16.74 -2.33 -10.03
C ALA B 438 -16.99 -3.58 -10.88
N TYR B 439 -16.29 -4.67 -10.56
CA TYR B 439 -16.44 -5.93 -11.26
C TYR B 439 -17.89 -6.42 -11.18
N TRP B 440 -18.42 -6.54 -9.96
CA TRP B 440 -19.80 -6.98 -9.77
C TRP B 440 -20.77 -6.08 -10.52
N ARG B 441 -20.61 -4.77 -10.34
CA ARG B 441 -21.45 -3.78 -11.00
C ARG B 441 -21.42 -3.97 -12.51
N GLU B 442 -20.25 -4.28 -13.06
CA GLU B 442 -20.12 -4.49 -14.50
C GLU B 442 -20.82 -5.78 -14.91
N ASN B 443 -20.88 -6.75 -14.01
CA ASN B 443 -21.54 -8.02 -14.28
C ASN B 443 -23.05 -7.83 -14.36
N ASP B 444 -23.60 -7.00 -13.47
CA ASP B 444 -25.04 -6.73 -13.47
C ASP B 444 -25.47 -6.23 -14.85
N GLU B 445 -24.61 -5.41 -15.45
CA GLU B 445 -24.86 -4.85 -16.77
C GLU B 445 -24.41 -5.87 -17.82
#